data_4OZD
#
_entry.id   4OZD
#
_cell.length_a   61.558
_cell.length_b   79.730
_cell.length_c   232.294
_cell.angle_alpha   90.000
_cell.angle_beta   90.000
_cell.angle_gamma   90.000
#
_symmetry.space_group_name_H-M   'P 21 21 21'
#
loop_
_entity.id
_entity.type
_entity.pdbx_description
1 polymer '14.4 kDa salivary protein'
2 water water
#
_entity_poly.entity_id   1
_entity_poly.type   'polypeptide(L)'
_entity_poly.pdbx_seq_one_letter_code
;ETPSQKCEEKYKGNTDKISCLHHCKYQYYGFIDVNYNIAQSEIRKFSNVLMDYGVVDKSKKRELKKVMHECAKQVKKEAR
KDSHWLNCRTSINYYRCVLTSKLIGPQRFDKAIQDYDKTISV
;
_entity_poly.pdbx_strand_id   A,B,C,D,E,F,G
#
# COMPACT_ATOMS: atom_id res chain seq x y z
N GLU A 1 -12.20 16.26 -6.18
CA GLU A 1 -12.37 15.46 -4.98
C GLU A 1 -12.83 14.04 -5.32
N THR A 2 -13.59 13.93 -6.41
CA THR A 2 -13.95 12.63 -6.97
C THR A 2 -13.26 12.52 -8.33
N PRO A 3 -13.14 11.28 -8.86
CA PRO A 3 -12.48 11.09 -10.17
C PRO A 3 -12.95 12.03 -11.27
N SER A 4 -14.26 12.20 -11.41
CA SER A 4 -14.80 13.06 -12.46
C SER A 4 -14.42 14.52 -12.22
N GLN A 5 -14.47 14.98 -10.98
CA GLN A 5 -14.12 16.37 -10.69
C GLN A 5 -12.64 16.63 -10.84
N LYS A 6 -11.82 15.65 -10.48
CA LYS A 6 -10.37 15.80 -10.57
C LYS A 6 -9.90 15.79 -12.03
N CYS A 7 -10.39 14.83 -12.80
CA CYS A 7 -9.94 14.65 -14.17
C CYS A 7 -10.36 15.78 -15.11
N GLU A 8 -11.54 16.35 -14.89
CA GLU A 8 -12.03 17.43 -15.75
C GLU A 8 -11.44 18.78 -15.35
N GLU A 9 -10.99 18.92 -14.11
CA GLU A 9 -10.30 20.13 -13.70
C GLU A 9 -8.84 20.04 -14.15
N LYS A 10 -8.39 18.82 -14.40
CA LYS A 10 -7.06 18.59 -14.94
C LYS A 10 -6.99 19.06 -16.39
N TYR A 11 -7.86 18.50 -17.22
CA TYR A 11 -7.89 18.82 -18.64
C TYR A 11 -8.60 20.14 -18.90
N LYS A 12 -7.93 21.22 -18.57
CA LYS A 12 -8.43 22.58 -18.78
C LYS A 12 -7.22 23.48 -18.60
N THR A 15 -5.04 21.39 -21.00
CA THR A 15 -5.64 22.07 -22.14
C THR A 15 -6.28 21.31 -23.30
N ASP A 16 -5.48 20.48 -23.97
CA ASP A 16 -6.02 19.57 -24.98
C ASP A 16 -5.66 18.17 -24.52
N LYS A 17 -5.54 17.24 -25.47
CA LYS A 17 -5.52 15.82 -25.15
C LYS A 17 -6.76 15.49 -24.34
N ILE A 18 -7.87 16.11 -24.74
CA ILE A 18 -9.14 16.02 -24.02
C ILE A 18 -9.74 14.62 -24.11
N SER A 19 -9.37 13.87 -25.14
CA SER A 19 -9.87 12.52 -25.31
C SER A 19 -9.29 11.58 -24.24
N CYS A 20 -8.31 12.05 -23.50
CA CYS A 20 -7.72 11.29 -22.41
C CYS A 20 -8.55 11.44 -21.13
N LEU A 21 -9.53 12.34 -21.17
CA LEU A 21 -10.40 12.59 -20.03
C LEU A 21 -11.20 11.34 -19.67
N HIS A 22 -11.50 10.52 -20.66
CA HIS A 22 -12.24 9.29 -20.42
C HIS A 22 -11.41 8.26 -19.67
N HIS A 23 -10.18 8.03 -20.13
CA HIS A 23 -9.31 7.04 -19.49
C HIS A 23 -8.91 7.47 -18.09
N CYS A 24 -8.76 8.78 -17.89
CA CYS A 24 -8.40 9.32 -16.58
C CYS A 24 -9.40 8.90 -15.51
N LYS A 25 -10.67 8.84 -15.90
CA LYS A 25 -11.74 8.45 -14.98
C LYS A 25 -11.73 6.94 -14.75
N TYR A 26 -11.62 6.18 -15.84
CA TYR A 26 -11.77 4.74 -15.77
C TYR A 26 -10.58 4.03 -15.13
N GLN A 27 -9.47 4.75 -14.99
CA GLN A 27 -8.33 4.19 -14.28
C GLN A 27 -8.53 4.37 -12.78
N TYR A 28 -9.33 5.36 -12.41
CA TYR A 28 -9.67 5.61 -11.01
C TYR A 28 -10.76 4.65 -10.55
N TYR A 29 -11.66 4.31 -11.47
CA TYR A 29 -12.71 3.35 -11.18
C TYR A 29 -12.13 1.95 -11.08
N GLY A 30 -11.05 1.72 -11.83
CA GLY A 30 -10.39 0.42 -11.85
C GLY A 30 -10.79 -0.41 -13.05
N PHE A 31 -11.39 0.24 -14.05
CA PHE A 31 -11.89 -0.44 -15.24
C PHE A 31 -10.79 -0.61 -16.28
N ILE A 32 -9.81 0.28 -16.24
CA ILE A 32 -8.65 0.20 -17.13
C ILE A 32 -7.36 0.50 -16.36
N ASP A 33 -6.33 -0.30 -16.60
CA ASP A 33 -5.05 -0.16 -15.91
C ASP A 33 -4.37 1.16 -16.27
N VAL A 34 -3.42 1.59 -15.44
CA VAL A 34 -2.71 2.84 -15.68
C VAL A 34 -1.78 2.76 -16.88
N ASN A 35 -1.42 1.54 -17.28
CA ASN A 35 -0.63 1.34 -18.49
C ASN A 35 -1.55 1.08 -19.68
N TYR A 36 -2.79 1.55 -19.57
CA TYR A 36 -3.82 1.47 -20.61
C TYR A 36 -4.28 0.05 -20.94
N ASN A 37 -3.77 -0.94 -20.21
CA ASN A 37 -4.16 -2.33 -20.48
C ASN A 37 -5.51 -2.69 -19.89
N ILE A 38 -6.10 -3.75 -20.44
CA ILE A 38 -7.33 -4.32 -19.91
C ILE A 38 -7.14 -5.83 -19.81
N ALA A 39 -6.82 -6.30 -18.61
CA ALA A 39 -6.73 -7.73 -18.30
C ALA A 39 -7.97 -8.10 -17.49
N GLN A 40 -7.99 -9.29 -16.86
CA GLN A 40 -9.20 -9.73 -16.16
C GLN A 40 -9.30 -9.18 -14.73
N SER A 41 -8.24 -8.50 -14.26
CA SER A 41 -8.34 -7.80 -12.99
C SER A 41 -9.24 -6.59 -13.20
N GLU A 42 -9.09 -5.94 -14.34
CA GLU A 42 -9.92 -4.80 -14.71
C GLU A 42 -11.34 -5.22 -15.10
N ILE A 43 -11.45 -6.38 -15.75
CA ILE A 43 -12.74 -6.87 -16.21
C ILE A 43 -13.67 -7.21 -15.06
N ARG A 44 -13.17 -8.01 -14.12
CA ARG A 44 -13.98 -8.43 -12.97
C ARG A 44 -14.32 -7.23 -12.09
N LYS A 45 -13.47 -6.20 -12.13
CA LYS A 45 -13.76 -4.97 -11.41
C LYS A 45 -14.91 -4.23 -12.10
N PHE A 46 -14.89 -4.26 -13.43
CA PHE A 46 -15.93 -3.62 -14.22
C PHE A 46 -17.25 -4.36 -14.09
N SER A 47 -17.19 -5.68 -14.12
CA SER A 47 -18.39 -6.50 -14.03
C SER A 47 -19.05 -6.38 -12.67
N ASN A 48 -18.24 -6.49 -11.60
CA ASN A 48 -18.76 -6.42 -10.24
C ASN A 48 -19.48 -5.11 -9.95
N VAL A 49 -18.90 -4.00 -10.39
CA VAL A 49 -19.52 -2.69 -10.19
C VAL A 49 -20.89 -2.63 -10.89
N LEU A 50 -20.96 -3.20 -12.08
CA LEU A 50 -22.22 -3.25 -12.83
C LEU A 50 -23.26 -4.11 -12.11
N MET A 51 -22.80 -5.07 -11.32
CA MET A 51 -23.71 -5.99 -10.62
C MET A 51 -24.19 -5.44 -9.29
N ASP A 52 -23.29 -4.80 -8.55
CA ASP A 52 -23.67 -4.19 -7.27
C ASP A 52 -24.63 -3.03 -7.46
N TYR A 53 -24.57 -2.41 -8.65
CA TYR A 53 -25.42 -1.26 -8.94
C TYR A 53 -26.60 -1.64 -9.83
N GLY A 54 -26.85 -2.94 -9.93
CA GLY A 54 -28.04 -3.45 -10.60
C GLY A 54 -28.23 -3.06 -12.05
N VAL A 55 -27.13 -3.05 -12.81
CA VAL A 55 -27.21 -2.75 -14.24
C VAL A 55 -27.48 -4.03 -15.02
N VAL A 56 -26.92 -5.14 -14.54
CA VAL A 56 -27.09 -6.44 -15.18
C VAL A 56 -27.44 -7.49 -14.13
N ASP A 57 -28.15 -8.55 -14.55
CA ASP A 57 -28.53 -9.62 -13.64
C ASP A 57 -27.37 -10.58 -13.40
N LYS A 58 -27.43 -11.30 -12.28
CA LYS A 58 -26.34 -12.20 -11.87
C LYS A 58 -26.26 -13.42 -12.77
N SER A 59 -27.35 -13.72 -13.46
CA SER A 59 -27.38 -14.83 -14.41
C SER A 59 -26.62 -14.47 -15.68
N LYS A 60 -26.46 -13.16 -15.92
CA LYS A 60 -25.81 -12.67 -17.12
C LYS A 60 -24.33 -12.32 -16.89
N LYS A 61 -23.84 -12.55 -15.68
CA LYS A 61 -22.47 -12.16 -15.31
C LYS A 61 -21.41 -12.78 -16.21
N ARG A 62 -21.54 -14.06 -16.48
CA ARG A 62 -20.54 -14.79 -17.25
C ARG A 62 -20.56 -14.39 -18.71
N GLU A 63 -21.73 -14.04 -19.23
CA GLU A 63 -21.85 -13.59 -20.61
C GLU A 63 -21.31 -12.18 -20.77
N LEU A 64 -21.51 -11.34 -19.75
CA LEU A 64 -21.02 -9.97 -19.78
C LEU A 64 -19.50 -9.93 -19.66
N LYS A 65 -18.94 -10.76 -18.78
CA LYS A 65 -17.49 -10.89 -18.66
C LYS A 65 -16.88 -11.27 -20.01
N LYS A 66 -17.53 -12.18 -20.71
CA LYS A 66 -17.03 -12.66 -21.99
C LYS A 66 -17.15 -11.57 -23.06
N VAL A 67 -18.20 -10.77 -22.96
CA VAL A 67 -18.36 -9.62 -23.85
C VAL A 67 -17.23 -8.62 -23.61
N MET A 68 -16.95 -8.36 -22.32
CA MET A 68 -15.83 -7.50 -21.95
C MET A 68 -14.51 -8.08 -22.46
N HIS A 69 -14.37 -9.40 -22.36
CA HIS A 69 -13.15 -10.07 -22.77
C HIS A 69 -12.92 -10.00 -24.28
N GLU A 70 -13.98 -10.22 -25.05
CA GLU A 70 -13.88 -10.18 -26.50
C GLU A 70 -13.65 -8.76 -27.02
N CYS A 71 -14.19 -7.78 -26.30
CA CYS A 71 -13.96 -6.38 -26.64
C CYS A 71 -12.50 -6.00 -26.42
N ALA A 72 -11.92 -6.56 -25.36
CA ALA A 72 -10.52 -6.31 -25.04
C ALA A 72 -9.61 -6.85 -26.12
N LYS A 73 -9.91 -8.05 -26.61
CA LYS A 73 -9.12 -8.65 -27.69
C LYS A 73 -9.19 -7.80 -28.95
N GLN A 74 -10.38 -7.27 -29.24
CA GLN A 74 -10.58 -6.46 -30.43
C GLN A 74 -9.77 -5.17 -30.39
N VAL A 75 -9.89 -4.45 -29.28
CA VAL A 75 -9.19 -3.18 -29.08
C VAL A 75 -7.67 -3.35 -29.20
N LYS A 76 -7.16 -4.49 -28.75
CA LYS A 76 -5.74 -4.80 -28.88
C LYS A 76 -5.38 -5.23 -30.30
N LYS A 77 -6.27 -6.00 -30.93
CA LYS A 77 -6.06 -6.47 -32.29
C LYS A 77 -5.95 -5.30 -33.26
N GLU A 78 -6.81 -4.30 -33.07
CA GLU A 78 -6.81 -3.13 -33.94
C GLU A 78 -5.59 -2.25 -33.69
N ALA A 79 -5.09 -2.29 -32.45
CA ALA A 79 -3.94 -1.46 -32.08
C ALA A 79 -2.68 -1.95 -32.75
N ARG A 80 -2.56 -3.27 -32.91
CA ARG A 80 -1.36 -3.87 -33.47
C ARG A 80 -1.36 -3.90 -35.01
N LYS A 81 -2.50 -3.59 -35.62
CA LYS A 81 -2.52 -3.44 -37.08
C LYS A 81 -2.15 -2.00 -37.42
N ASP A 82 -2.22 -1.13 -36.41
CA ASP A 82 -1.74 0.23 -36.54
C ASP A 82 -0.35 0.33 -35.93
N SER A 83 0.24 -0.83 -35.68
CA SER A 83 1.65 -0.95 -35.26
C SER A 83 1.99 -0.21 -33.96
N HIS A 84 0.98 0.06 -33.14
CA HIS A 84 1.24 0.60 -31.81
C HIS A 84 0.49 -0.21 -30.76
N TRP A 85 0.33 0.34 -29.57
CA TRP A 85 -0.35 -0.36 -28.50
C TRP A 85 -1.49 0.50 -27.93
N LEU A 86 -2.04 0.09 -26.79
CA LEU A 86 -3.18 0.76 -26.19
C LEU A 86 -2.86 2.19 -25.79
N ASN A 87 -3.90 3.03 -25.81
CA ASN A 87 -3.77 4.44 -25.44
C ASN A 87 -5.13 5.04 -25.13
N CYS A 88 -5.19 6.37 -25.07
CA CYS A 88 -6.43 7.07 -24.74
C CYS A 88 -7.60 6.68 -25.64
N ARG A 89 -7.30 6.48 -26.92
CA ARG A 89 -8.33 6.16 -27.91
C ARG A 89 -8.85 4.73 -27.74
N THR A 90 -7.95 3.80 -27.46
CA THR A 90 -8.33 2.41 -27.26
C THR A 90 -9.26 2.26 -26.05
N SER A 91 -9.05 3.12 -25.05
CA SER A 91 -9.87 3.12 -23.85
C SER A 91 -11.31 3.51 -24.19
N ILE A 92 -11.47 4.43 -25.13
CA ILE A 92 -12.78 4.85 -25.58
C ILE A 92 -13.44 3.74 -26.40
N ASN A 93 -12.67 3.12 -27.28
CA ASN A 93 -13.18 2.03 -28.11
C ASN A 93 -13.62 0.83 -27.28
N TYR A 94 -12.93 0.60 -26.17
CA TYR A 94 -13.30 -0.48 -25.25
C TYR A 94 -14.67 -0.19 -24.64
N TYR A 95 -14.95 1.08 -24.38
CA TYR A 95 -16.24 1.49 -23.86
C TYR A 95 -17.34 1.32 -24.92
N ARG A 96 -17.09 1.84 -26.11
CA ARG A 96 -18.04 1.74 -27.21
C ARG A 96 -18.40 0.29 -27.53
N CYS A 97 -17.39 -0.58 -27.52
CA CYS A 97 -17.59 -1.99 -27.79
C CYS A 97 -18.43 -2.65 -26.71
N VAL A 98 -18.18 -2.30 -25.46
CA VAL A 98 -18.91 -2.89 -24.34
C VAL A 98 -20.38 -2.48 -24.34
N LEU A 99 -20.64 -1.19 -24.52
CA LEU A 99 -22.02 -0.69 -24.49
C LEU A 99 -22.77 -0.97 -25.80
N THR A 100 -22.10 -1.61 -26.74
CA THR A 100 -22.78 -2.12 -27.93
C THR A 100 -23.69 -3.26 -27.52
N SER A 101 -23.22 -4.06 -26.57
CA SER A 101 -23.97 -5.21 -26.06
C SER A 101 -25.34 -4.83 -25.52
N LYS A 102 -26.33 -5.66 -25.81
CA LYS A 102 -27.71 -5.41 -25.39
C LYS A 102 -27.97 -5.90 -23.97
N LEU A 103 -26.93 -6.41 -23.33
CA LEU A 103 -27.03 -6.86 -21.94
C LEU A 103 -27.03 -5.67 -20.99
N ILE A 104 -26.64 -4.51 -21.52
CA ILE A 104 -26.50 -3.32 -20.70
C ILE A 104 -27.51 -2.24 -21.08
N GLY A 105 -28.30 -1.81 -20.11
CA GLY A 105 -29.20 -0.69 -20.30
C GLY A 105 -28.45 0.61 -20.12
N PRO A 106 -28.41 1.43 -21.18
CA PRO A 106 -27.65 2.69 -21.22
C PRO A 106 -27.90 3.59 -20.02
N GLN A 107 -29.17 3.95 -19.81
CA GLN A 107 -29.52 4.92 -18.79
C GLN A 107 -29.24 4.44 -17.38
N ARG A 108 -29.28 3.13 -17.19
CA ARG A 108 -28.93 2.54 -15.90
C ARG A 108 -27.42 2.51 -15.73
N PHE A 109 -26.70 2.34 -16.85
CA PHE A 109 -25.24 2.34 -16.83
C PHE A 109 -24.71 3.69 -16.43
N ASP A 110 -25.11 4.73 -17.16
CA ASP A 110 -24.68 6.09 -16.88
C ASP A 110 -25.06 6.52 -15.47
N LYS A 111 -26.20 6.02 -14.99
CA LYS A 111 -26.67 6.32 -13.65
C LYS A 111 -25.80 5.63 -12.59
N ALA A 112 -25.41 4.40 -12.87
CA ALA A 112 -24.57 3.64 -11.96
C ALA A 112 -23.19 4.27 -11.82
N ILE A 113 -22.53 4.48 -12.96
CA ILE A 113 -21.20 5.08 -12.99
C ILE A 113 -21.13 6.40 -12.24
N GLN A 114 -22.13 7.25 -12.45
CA GLN A 114 -22.15 8.58 -11.83
C GLN A 114 -22.33 8.47 -10.33
N ASP A 115 -23.00 7.41 -9.88
CA ASP A 115 -23.15 7.17 -8.45
C ASP A 115 -21.92 6.46 -7.87
N TYR A 116 -21.28 5.63 -8.68
CA TYR A 116 -20.06 4.96 -8.27
C TYR A 116 -18.94 5.96 -8.07
N ASP A 117 -18.91 6.97 -8.95
CA ASP A 117 -17.88 7.99 -8.93
C ASP A 117 -17.85 8.80 -7.64
N LYS A 118 -19.03 9.03 -7.07
CA LYS A 118 -19.16 9.85 -5.87
C LYS A 118 -18.54 9.20 -4.63
N THR A 119 -18.44 7.87 -4.65
CA THR A 119 -17.95 7.13 -3.49
C THR A 119 -16.43 7.03 -3.45
N ILE A 120 -15.75 7.79 -4.29
CA ILE A 120 -14.29 7.69 -4.41
C ILE A 120 -13.60 9.04 -4.22
N SER A 121 -12.44 9.01 -3.56
CA SER A 121 -11.57 10.17 -3.44
C SER A 121 -10.11 9.72 -3.59
N VAL A 122 -9.27 10.52 -4.23
CA VAL A 122 -9.63 11.84 -4.73
C VAL A 122 -9.87 11.81 -6.25
N GLU B 1 -28.94 26.06 14.68
CA GLU B 1 -28.91 25.88 13.24
C GLU B 1 -27.67 25.12 12.80
N THR B 2 -26.81 24.81 13.76
CA THR B 2 -25.72 23.86 13.54
C THR B 2 -26.01 22.64 14.41
N PRO B 3 -25.53 21.45 14.00
CA PRO B 3 -25.77 20.21 14.75
C PRO B 3 -25.54 20.35 16.25
N SER B 4 -24.48 21.06 16.63
CA SER B 4 -24.25 21.33 18.05
C SER B 4 -25.41 22.09 18.64
N GLN B 5 -25.65 23.31 18.16
CA GLN B 5 -26.72 24.18 18.67
C GLN B 5 -28.08 23.50 18.68
N LYS B 6 -28.40 22.79 17.61
CA LYS B 6 -29.67 22.10 17.46
C LYS B 6 -29.90 21.07 18.56
N CYS B 7 -28.93 20.19 18.74
CA CYS B 7 -29.01 19.12 19.72
C CYS B 7 -28.92 19.66 21.14
N GLU B 8 -28.13 20.71 21.34
CA GLU B 8 -28.05 21.39 22.64
C GLU B 8 -29.44 21.85 23.10
N GLU B 9 -30.22 22.39 22.17
CA GLU B 9 -31.53 22.93 22.50
C GLU B 9 -32.57 21.82 22.65
N LYS B 10 -32.37 20.71 21.95
CA LYS B 10 -33.31 19.59 21.99
C LYS B 10 -33.26 18.91 23.35
N TYR B 11 -32.06 18.74 23.88
CA TYR B 11 -31.89 18.09 25.18
C TYR B 11 -31.81 19.15 26.27
N LYS B 12 -32.92 19.87 26.43
CA LYS B 12 -32.98 21.00 27.35
C LYS B 12 -34.43 21.35 27.66
N THR B 15 -32.91 18.36 29.88
CA THR B 15 -33.88 17.91 30.86
C THR B 15 -34.31 16.47 30.61
N ASP B 16 -33.58 15.76 29.76
CA ASP B 16 -34.03 14.46 29.27
C ASP B 16 -32.97 13.36 29.29
N LYS B 17 -32.83 12.71 28.14
CA LYS B 17 -31.86 11.64 27.92
C LYS B 17 -30.55 12.20 27.39
N ILE B 18 -29.85 12.97 28.21
CA ILE B 18 -28.73 13.78 27.72
C ILE B 18 -27.61 12.98 27.07
N SER B 19 -27.48 11.70 27.40
CA SER B 19 -26.41 10.89 26.83
C SER B 19 -26.54 10.75 25.31
N CYS B 20 -27.79 10.88 24.82
CA CYS B 20 -28.05 10.77 23.39
C CYS B 20 -27.59 12.00 22.62
N LEU B 21 -27.23 13.06 23.35
CA LEU B 21 -26.74 14.30 22.75
C LEU B 21 -25.58 14.06 21.79
N HIS B 22 -24.73 13.10 22.14
CA HIS B 22 -23.58 12.76 21.31
C HIS B 22 -24.01 12.16 19.97
N HIS B 23 -24.91 11.18 20.01
CA HIS B 23 -25.38 10.55 18.79
C HIS B 23 -26.15 11.54 17.92
N CYS B 24 -26.90 12.43 18.55
CA CYS B 24 -27.66 13.45 17.83
C CYS B 24 -26.73 14.28 16.95
N LYS B 25 -25.56 14.61 17.46
CA LYS B 25 -24.57 15.36 16.70
C LYS B 25 -24.04 14.52 15.53
N TYR B 26 -23.61 13.31 15.83
CA TYR B 26 -22.93 12.47 14.84
C TYR B 26 -23.83 11.95 13.73
N GLN B 27 -25.15 11.96 13.95
CA GLN B 27 -26.06 11.53 12.90
C GLN B 27 -26.20 12.64 11.87
N TYR B 28 -25.92 13.87 12.28
CA TYR B 28 -25.92 15.02 11.38
C TYR B 28 -24.61 15.11 10.63
N TYR B 29 -23.53 14.67 11.27
CA TYR B 29 -22.22 14.67 10.64
C TYR B 29 -22.14 13.54 9.62
N GLY B 30 -22.96 12.51 9.82
CA GLY B 30 -23.00 11.38 8.92
C GLY B 30 -22.06 10.27 9.35
N PHE B 31 -21.59 10.35 10.59
CA PHE B 31 -20.64 9.37 11.13
C PHE B 31 -21.36 8.16 11.69
N ILE B 32 -22.63 8.35 12.06
CA ILE B 32 -23.49 7.28 12.51
C ILE B 32 -24.89 7.55 11.95
N ASP B 33 -25.54 6.56 11.36
CA ASP B 33 -26.84 6.83 10.75
C ASP B 33 -27.94 6.85 11.81
N VAL B 34 -29.17 7.13 11.36
CA VAL B 34 -30.26 7.42 12.29
C VAL B 34 -30.75 6.21 13.08
N ASN B 35 -30.46 5.00 12.60
CA ASN B 35 -30.83 3.80 13.33
C ASN B 35 -29.64 3.27 14.14
N TYR B 36 -28.71 4.18 14.42
CA TYR B 36 -27.54 3.92 15.29
C TYR B 36 -26.47 3.02 14.67
N ASN B 37 -26.75 2.45 13.50
CA ASN B 37 -25.80 1.54 12.87
C ASN B 37 -24.53 2.24 12.39
N ILE B 38 -23.48 1.47 12.17
CA ILE B 38 -22.23 1.98 11.60
C ILE B 38 -21.74 1.04 10.51
N ALA B 39 -21.75 1.52 9.27
CA ALA B 39 -21.35 0.71 8.13
C ALA B 39 -20.31 1.41 7.26
N GLN B 40 -20.16 0.97 6.03
CA GLN B 40 -19.21 1.55 5.09
C GLN B 40 -19.40 3.05 4.92
N SER B 41 -20.66 3.45 4.69
CA SER B 41 -21.01 4.84 4.41
C SER B 41 -20.56 5.77 5.52
N GLU B 42 -20.75 5.33 6.77
CA GLU B 42 -20.39 6.13 7.92
C GLU B 42 -18.88 6.23 8.09
N ILE B 43 -18.20 5.10 7.96
CA ILE B 43 -16.74 5.04 8.09
C ILE B 43 -16.08 5.86 6.98
N ARG B 44 -16.63 5.77 5.77
CA ARG B 44 -16.13 6.55 4.65
C ARG B 44 -16.25 8.05 4.91
N LYS B 45 -17.41 8.46 5.44
CA LYS B 45 -17.65 9.87 5.73
C LYS B 45 -16.75 10.36 6.85
N PHE B 46 -16.57 9.54 7.89
CA PHE B 46 -15.80 9.93 9.06
C PHE B 46 -14.31 10.07 8.74
N SER B 47 -13.77 9.07 8.05
CA SER B 47 -12.35 9.07 7.72
C SER B 47 -11.98 10.17 6.74
N ASN B 48 -12.87 10.41 5.77
CA ASN B 48 -12.61 11.45 4.78
C ASN B 48 -12.81 12.84 5.35
N VAL B 49 -13.53 12.95 6.47
CA VAL B 49 -13.64 14.22 7.17
C VAL B 49 -12.32 14.50 7.89
N LEU B 50 -11.78 13.48 8.54
CA LEU B 50 -10.51 13.60 9.25
C LEU B 50 -9.36 13.94 8.30
N MET B 51 -9.39 13.35 7.10
CA MET B 51 -8.35 13.63 6.11
C MET B 51 -8.48 15.04 5.55
N ASP B 52 -9.71 15.50 5.38
CA ASP B 52 -9.97 16.79 4.74
C ASP B 52 -9.82 17.97 5.70
N TYR B 53 -9.53 17.69 6.96
CA TYR B 53 -9.28 18.75 7.94
C TYR B 53 -7.87 18.64 8.51
N GLY B 54 -7.06 17.76 7.93
CA GLY B 54 -5.68 17.59 8.34
C GLY B 54 -5.54 17.04 9.75
N VAL B 55 -6.23 15.95 10.03
CA VAL B 55 -6.14 15.30 11.34
C VAL B 55 -5.24 14.07 11.25
N VAL B 56 -5.37 13.35 10.14
CA VAL B 56 -4.49 12.25 9.78
C VAL B 56 -3.96 12.52 8.38
N ASP B 57 -2.83 11.92 8.00
CA ASP B 57 -2.34 12.13 6.64
C ASP B 57 -2.83 11.00 5.74
N LYS B 58 -2.78 11.26 4.43
CA LYS B 58 -3.24 10.31 3.42
C LYS B 58 -2.75 8.88 3.59
N SER B 59 -1.50 8.73 4.00
CA SER B 59 -0.88 7.41 4.05
C SER B 59 -1.32 6.57 5.25
N LYS B 60 -2.01 7.21 6.19
CA LYS B 60 -2.51 6.53 7.37
C LYS B 60 -4.03 6.38 7.32
N LYS B 61 -4.62 6.68 6.17
CA LYS B 61 -6.08 6.65 6.06
C LYS B 61 -6.64 5.24 6.12
N ARG B 62 -6.03 4.31 5.39
CA ARG B 62 -6.51 2.93 5.36
C ARG B 62 -6.22 2.21 6.67
N GLU B 63 -5.18 2.65 7.38
CA GLU B 63 -4.94 2.18 8.72
C GLU B 63 -5.98 2.77 9.66
N LEU B 64 -6.31 4.03 9.46
CA LEU B 64 -7.34 4.69 10.25
C LEU B 64 -8.71 4.06 10.04
N LYS B 65 -9.02 3.73 8.79
CA LYS B 65 -10.34 3.16 8.47
C LYS B 65 -10.53 1.75 9.01
N LYS B 66 -9.48 0.94 8.94
CA LYS B 66 -9.54 -0.40 9.49
C LYS B 66 -9.75 -0.29 11.01
N VAL B 67 -9.15 0.73 11.61
CA VAL B 67 -9.37 1.01 13.02
C VAL B 67 -10.85 1.30 13.25
N MET B 68 -11.42 2.21 12.46
CA MET B 68 -12.84 2.50 12.54
C MET B 68 -13.66 1.24 12.27
N HIS B 69 -13.17 0.41 11.37
CA HIS B 69 -13.91 -0.77 10.94
C HIS B 69 -14.01 -1.86 12.02
N GLU B 70 -12.94 -2.05 12.78
CA GLU B 70 -12.96 -3.07 13.85
C GLU B 70 -13.49 -2.50 15.16
N CYS B 71 -13.51 -1.18 15.28
CA CYS B 71 -14.17 -0.54 16.42
C CYS B 71 -15.68 -0.57 16.27
N ALA B 72 -16.15 -0.75 15.03
CA ALA B 72 -17.57 -0.95 14.80
C ALA B 72 -17.91 -2.42 15.03
N LYS B 73 -17.01 -3.29 14.58
CA LYS B 73 -17.15 -4.73 14.79
C LYS B 73 -17.10 -5.05 16.28
N GLN B 74 -16.26 -4.32 17.00
CA GLN B 74 -16.10 -4.47 18.44
C GLN B 74 -17.38 -4.10 19.18
N VAL B 75 -17.86 -2.88 18.95
CA VAL B 75 -19.04 -2.36 19.62
C VAL B 75 -20.29 -3.22 19.36
N LYS B 76 -20.46 -3.65 18.11
CA LYS B 76 -21.60 -4.48 17.75
C LYS B 76 -21.58 -5.82 18.49
N LYS B 77 -20.39 -6.36 18.69
CA LYS B 77 -20.24 -7.62 19.42
C LYS B 77 -20.59 -7.43 20.89
N GLU B 78 -20.26 -6.26 21.43
CA GLU B 78 -20.51 -5.95 22.83
C GLU B 78 -22.00 -5.85 23.14
N ALA B 79 -22.74 -5.24 22.22
CA ALA B 79 -24.18 -5.07 22.40
C ALA B 79 -24.92 -6.40 22.41
N ARG B 80 -24.56 -7.29 21.49
CA ARG B 80 -25.25 -8.56 21.35
C ARG B 80 -25.00 -9.50 22.52
N LYS B 81 -23.88 -9.33 23.21
CA LYS B 81 -23.61 -10.14 24.40
C LYS B 81 -24.53 -9.71 25.53
N ASP B 82 -24.97 -8.45 25.49
CA ASP B 82 -25.93 -7.94 26.46
C ASP B 82 -27.36 -8.07 25.96
N SER B 83 -27.53 -8.83 24.88
CA SER B 83 -28.82 -9.12 24.29
C SER B 83 -29.61 -7.87 23.90
N HIS B 84 -28.97 -7.01 23.12
CA HIS B 84 -29.64 -5.86 22.50
C HIS B 84 -28.83 -5.41 21.30
N TRP B 85 -29.15 -4.24 20.76
CA TRP B 85 -28.45 -3.72 19.59
C TRP B 85 -27.91 -2.32 19.86
N LEU B 86 -27.39 -1.66 18.83
CA LEU B 86 -26.76 -0.35 18.95
C LEU B 86 -27.71 0.72 19.46
N ASN B 87 -27.14 1.71 20.15
CA ASN B 87 -27.91 2.81 20.72
C ASN B 87 -27.03 4.01 21.04
N CYS B 88 -27.53 4.90 21.89
CA CYS B 88 -26.81 6.11 22.26
C CYS B 88 -25.47 5.81 22.94
N ARG B 89 -25.46 4.79 23.78
CA ARG B 89 -24.25 4.43 24.53
C ARG B 89 -23.21 3.76 23.62
N THR B 90 -23.68 2.93 22.70
CA THR B 90 -22.80 2.28 21.75
C THR B 90 -22.13 3.30 20.84
N SER B 91 -22.83 4.41 20.60
CA SER B 91 -22.29 5.48 19.77
C SER B 91 -21.15 6.18 20.47
N ILE B 92 -21.30 6.40 21.77
CA ILE B 92 -20.24 6.98 22.59
C ILE B 92 -19.03 6.05 22.62
N ASN B 93 -19.29 4.76 22.77
CA ASN B 93 -18.24 3.76 22.78
C ASN B 93 -17.50 3.67 21.44
N TYR B 94 -18.21 3.96 20.36
CA TYR B 94 -17.60 4.03 19.04
C TYR B 94 -16.56 5.15 19.02
N TYR B 95 -16.97 6.30 19.53
CA TYR B 95 -16.08 7.45 19.67
C TYR B 95 -14.87 7.13 20.51
N ARG B 96 -15.09 6.52 21.67
CA ARG B 96 -14.02 6.21 22.61
C ARG B 96 -13.04 5.19 22.06
N CYS B 97 -13.55 4.17 21.37
CA CYS B 97 -12.72 3.18 20.71
C CYS B 97 -11.84 3.82 19.64
N VAL B 98 -12.45 4.69 18.85
CA VAL B 98 -11.76 5.34 17.73
C VAL B 98 -10.67 6.30 18.21
N LEU B 99 -10.98 7.14 19.19
CA LEU B 99 -10.02 8.10 19.71
C LEU B 99 -8.94 7.45 20.58
N THR B 100 -8.96 6.13 20.69
CA THR B 100 -7.91 5.40 21.39
C THR B 100 -6.69 5.26 20.49
N SER B 101 -6.96 5.14 19.18
CA SER B 101 -5.90 5.00 18.18
C SER B 101 -4.90 6.14 18.25
N LYS B 102 -3.62 5.79 18.38
CA LYS B 102 -2.55 6.78 18.48
C LYS B 102 -2.35 7.53 17.17
N LEU B 103 -3.03 7.08 16.12
CA LEU B 103 -3.03 7.76 14.83
C LEU B 103 -3.59 9.18 14.94
N ILE B 104 -4.50 9.37 15.90
CA ILE B 104 -5.25 10.61 16.00
C ILE B 104 -4.81 11.49 17.17
N GLY B 105 -4.35 12.69 16.84
CA GLY B 105 -4.04 13.70 17.84
C GLY B 105 -5.32 14.27 18.41
N PRO B 106 -5.51 14.13 19.74
CA PRO B 106 -6.73 14.56 20.42
C PRO B 106 -7.08 16.03 20.20
N GLN B 107 -6.13 16.92 20.45
CA GLN B 107 -6.36 18.36 20.33
C GLN B 107 -6.72 18.76 18.90
N ARG B 108 -6.06 18.14 17.93
CA ARG B 108 -6.30 18.43 16.53
C ARG B 108 -7.66 17.90 16.08
N PHE B 109 -8.10 16.81 16.71
CA PHE B 109 -9.38 16.19 16.38
C PHE B 109 -10.55 17.06 16.85
N ASP B 110 -10.45 17.53 18.09
CA ASP B 110 -11.50 18.37 18.67
C ASP B 110 -11.72 19.62 17.84
N LYS B 111 -10.62 20.21 17.36
CA LYS B 111 -10.68 21.43 16.57
C LYS B 111 -11.29 21.17 15.19
N ALA B 112 -11.05 19.98 14.65
CA ALA B 112 -11.55 19.62 13.33
C ALA B 112 -13.06 19.41 13.33
N ILE B 113 -13.57 18.74 14.36
CA ILE B 113 -15.00 18.48 14.48
C ILE B 113 -15.76 19.79 14.70
N GLN B 114 -15.23 20.63 15.58
CA GLN B 114 -15.83 21.93 15.85
C GLN B 114 -15.92 22.76 14.57
N ASP B 115 -14.85 22.73 13.77
CA ASP B 115 -14.84 23.41 12.48
C ASP B 115 -15.85 22.79 11.51
N TYR B 116 -15.75 21.48 11.33
CA TYR B 116 -16.66 20.74 10.45
C TYR B 116 -18.12 21.03 10.78
N ASP B 117 -18.40 21.21 12.05
CA ASP B 117 -19.77 21.41 12.54
C ASP B 117 -20.43 22.70 12.05
N LYS B 118 -19.61 23.71 11.77
CA LYS B 118 -20.14 25.02 11.37
C LYS B 118 -20.47 25.07 9.88
N THR B 119 -19.98 24.09 9.14
CA THR B 119 -20.24 24.00 7.71
C THR B 119 -21.58 23.32 7.42
N ILE B 120 -22.34 23.02 8.48
CA ILE B 120 -23.57 22.25 8.34
C ILE B 120 -24.78 22.96 8.95
N SER B 121 -25.92 22.85 8.26
CA SER B 121 -27.18 23.38 8.76
C SER B 121 -28.34 22.60 8.12
N VAL B 122 -29.39 22.32 8.88
CA VAL B 122 -29.53 22.73 10.27
C VAL B 122 -29.29 21.57 11.23
N GLU C 1 -33.44 8.64 -7.27
CA GLU C 1 -33.63 7.46 -8.12
C GLU C 1 -33.64 6.18 -7.29
N THR C 2 -32.72 6.08 -6.33
CA THR C 2 -32.71 4.97 -5.40
C THR C 2 -33.37 5.44 -4.10
N PRO C 3 -33.98 4.50 -3.35
CA PRO C 3 -34.66 4.86 -2.10
C PRO C 3 -33.79 5.67 -1.14
N SER C 4 -32.54 5.24 -0.95
CA SER C 4 -31.59 5.94 -0.10
C SER C 4 -31.39 7.37 -0.59
N GLN C 5 -31.01 7.49 -1.85
CA GLN C 5 -30.84 8.80 -2.49
C GLN C 5 -32.06 9.67 -2.31
N LYS C 6 -33.23 9.13 -2.64
CA LYS C 6 -34.48 9.87 -2.60
C LYS C 6 -34.86 10.31 -1.19
N CYS C 7 -34.63 9.45 -0.21
CA CYS C 7 -35.02 9.76 1.16
C CYS C 7 -34.09 10.77 1.81
N GLU C 8 -32.82 10.79 1.41
CA GLU C 8 -31.86 11.68 2.06
C GLU C 8 -32.07 13.15 1.67
N GLU C 9 -32.27 13.45 0.38
CA GLU C 9 -32.48 14.84 0.00
C GLU C 9 -33.92 15.25 0.32
N LYS C 10 -34.74 14.28 0.70
CA LYS C 10 -36.09 14.60 1.15
C LYS C 10 -36.03 15.28 2.52
N TYR C 11 -35.15 14.78 3.38
CA TYR C 11 -35.03 15.32 4.73
C TYR C 11 -33.88 16.31 4.84
N LYS C 12 -33.96 17.35 4.02
CA LYS C 12 -32.97 18.42 4.03
C LYS C 12 -33.58 19.69 4.63
N THR C 15 -35.71 18.49 7.95
CA THR C 15 -34.43 18.21 8.59
C THR C 15 -34.48 18.03 10.11
N ASP C 16 -35.62 18.34 10.74
CA ASP C 16 -35.74 18.12 12.20
C ASP C 16 -36.71 16.95 12.40
N LYS C 17 -36.81 16.10 11.38
CA LYS C 17 -37.40 14.78 11.49
C LYS C 17 -36.54 13.81 10.68
N ILE C 18 -35.23 13.91 10.92
CA ILE C 18 -34.26 13.06 10.24
C ILE C 18 -34.38 11.62 10.76
N SER C 19 -35.05 11.44 11.89
CA SER C 19 -35.29 10.10 12.42
C SER C 19 -36.19 9.29 11.49
N CYS C 20 -36.94 9.99 10.65
CA CYS C 20 -37.85 9.34 9.71
C CYS C 20 -37.13 8.85 8.46
N LEU C 21 -35.82 9.13 8.39
CA LEU C 21 -35.01 8.72 7.25
C LEU C 21 -34.96 7.20 7.12
N HIS C 22 -34.93 6.52 8.26
CA HIS C 22 -34.88 5.06 8.29
C HIS C 22 -36.16 4.43 7.77
N HIS C 23 -37.29 4.90 8.28
CA HIS C 23 -38.60 4.38 7.86
C HIS C 23 -38.86 4.65 6.39
N CYS C 24 -38.43 5.81 5.92
CA CYS C 24 -38.58 6.18 4.52
C CYS C 24 -37.87 5.18 3.61
N LYS C 25 -36.66 4.80 3.98
CA LYS C 25 -35.93 3.79 3.24
C LYS C 25 -36.67 2.46 3.24
N TYR C 26 -37.13 2.06 4.43
CA TYR C 26 -37.73 0.74 4.61
C TYR C 26 -39.14 0.62 4.03
N GLN C 27 -39.83 1.75 3.83
CA GLN C 27 -41.16 1.70 3.26
C GLN C 27 -41.08 1.40 1.76
N TYR C 28 -39.99 1.84 1.13
CA TYR C 28 -39.77 1.56 -0.29
C TYR C 28 -39.29 0.13 -0.49
N TYR C 29 -38.68 -0.43 0.55
CA TYR C 29 -38.17 -1.78 0.49
C TYR C 29 -39.30 -2.81 0.63
N GLY C 30 -40.36 -2.44 1.34
CA GLY C 30 -41.48 -3.33 1.56
C GLY C 30 -41.37 -4.00 2.92
N PHE C 31 -40.45 -3.47 3.73
CA PHE C 31 -40.17 -4.02 5.05
C PHE C 31 -41.11 -3.45 6.09
N ILE C 32 -41.56 -2.22 5.85
CA ILE C 32 -42.53 -1.56 6.71
C ILE C 32 -43.56 -0.86 5.83
N ASP C 33 -44.83 -0.97 6.19
CA ASP C 33 -45.90 -0.37 5.42
C ASP C 33 -45.86 1.16 5.51
N VAL C 34 -46.63 1.83 4.66
CA VAL C 34 -46.66 3.28 4.64
C VAL C 34 -47.31 3.85 5.90
N ASN C 35 -48.13 3.05 6.56
CA ASN C 35 -48.78 3.46 7.79
C ASN C 35 -48.01 2.97 9.02
N TYR C 36 -46.70 2.78 8.83
CA TYR C 36 -45.77 2.39 9.90
C TYR C 36 -46.03 1.01 10.48
N ASN C 37 -46.97 0.26 9.91
CA ASN C 37 -47.34 -1.04 10.42
C ASN C 37 -46.43 -2.16 9.90
N ILE C 38 -46.15 -3.14 10.75
CA ILE C 38 -45.45 -4.35 10.32
C ILE C 38 -46.39 -5.55 10.47
N ALA C 39 -46.96 -6.00 9.37
CA ALA C 39 -47.89 -7.13 9.40
C ALA C 39 -47.21 -8.37 8.84
N GLN C 40 -47.96 -9.46 8.74
CA GLN C 40 -47.50 -10.65 8.02
C GLN C 40 -46.94 -10.27 6.66
N SER C 41 -47.51 -9.24 6.04
CA SER C 41 -47.05 -8.85 4.72
C SER C 41 -45.69 -8.14 4.75
N GLU C 42 -45.34 -7.54 5.88
CA GLU C 42 -44.07 -6.80 5.91
C GLU C 42 -42.94 -7.77 6.22
N ILE C 43 -43.29 -8.88 6.88
CA ILE C 43 -42.37 -9.97 7.14
C ILE C 43 -42.16 -10.85 5.87
N ARG C 44 -43.20 -11.08 5.06
CA ARG C 44 -43.05 -11.54 3.65
C ARG C 44 -41.69 -11.26 3.06
N LYS C 45 -41.41 -9.97 3.12
CA LYS C 45 -40.49 -9.32 2.22
C LYS C 45 -39.08 -9.34 2.76
N PHE C 46 -38.98 -9.01 4.04
CA PHE C 46 -37.69 -9.01 4.70
C PHE C 46 -37.10 -10.40 4.72
N SER C 47 -37.95 -11.40 4.93
CA SER C 47 -37.51 -12.79 4.94
C SER C 47 -36.83 -13.15 3.64
N ASN C 48 -37.52 -12.93 2.52
CA ASN C 48 -37.01 -13.30 1.20
C ASN C 48 -35.79 -12.52 0.76
N VAL C 49 -35.74 -11.24 1.10
CA VAL C 49 -34.61 -10.39 0.75
C VAL C 49 -33.31 -10.93 1.39
N LEU C 50 -33.43 -11.45 2.60
CA LEU C 50 -32.27 -11.97 3.32
C LEU C 50 -31.81 -13.33 2.80
N MET C 51 -32.57 -13.91 1.90
CA MET C 51 -32.17 -15.14 1.28
C MET C 51 -31.47 -14.80 0.00
N ASP C 52 -32.21 -14.14 -0.87
CA ASP C 52 -31.74 -13.84 -2.21
C ASP C 52 -30.36 -13.20 -2.15
N TYR C 53 -30.02 -12.70 -0.96
CA TYR C 53 -28.71 -12.11 -0.74
C TYR C 53 -27.89 -12.91 0.28
N GLY C 54 -28.30 -14.15 0.52
CA GLY C 54 -27.53 -15.09 1.33
C GLY C 54 -27.15 -14.65 2.73
N VAL C 55 -27.93 -13.74 3.31
CA VAL C 55 -27.69 -13.28 4.67
C VAL C 55 -27.94 -14.40 5.67
N VAL C 56 -29.07 -15.07 5.51
CA VAL C 56 -29.40 -16.23 6.33
C VAL C 56 -29.68 -17.43 5.43
N ASP C 57 -29.20 -18.60 5.83
CA ASP C 57 -29.45 -19.83 5.07
C ASP C 57 -30.93 -20.19 5.14
N LYS C 58 -31.42 -20.92 4.13
CA LYS C 58 -32.85 -21.24 4.02
C LYS C 58 -33.33 -22.13 5.17
N SER C 59 -32.42 -22.90 5.75
CA SER C 59 -32.79 -23.78 6.86
C SER C 59 -33.07 -23.03 8.16
N LYS C 60 -33.07 -21.70 8.12
CA LYS C 60 -33.26 -20.88 9.31
C LYS C 60 -34.33 -19.83 9.20
N LYS C 61 -35.40 -20.06 8.45
CA LYS C 61 -36.28 -18.92 8.17
C LYS C 61 -37.46 -18.85 9.12
N ARG C 62 -38.07 -20.01 9.44
CA ARG C 62 -39.04 -20.07 10.52
C ARG C 62 -38.50 -19.34 11.76
N GLU C 63 -37.21 -19.52 12.02
CA GLU C 63 -36.53 -18.79 13.10
C GLU C 63 -36.50 -17.30 12.79
N LEU C 64 -35.99 -16.95 11.61
CA LEU C 64 -35.95 -15.57 11.15
C LEU C 64 -37.35 -14.96 11.06
N LYS C 65 -38.33 -15.77 10.68
CA LYS C 65 -39.69 -15.28 10.55
C LYS C 65 -40.36 -15.05 11.90
N LYS C 66 -40.02 -15.86 12.90
CA LYS C 66 -40.64 -15.72 14.21
C LYS C 66 -39.98 -14.59 15.01
N VAL C 67 -38.67 -14.39 14.81
CA VAL C 67 -38.00 -13.29 15.48
C VAL C 67 -38.50 -11.96 14.91
N MET C 68 -38.83 -11.94 13.62
CA MET C 68 -39.42 -10.75 13.01
C MET C 68 -40.82 -10.55 13.55
N HIS C 69 -41.54 -11.67 13.66
CA HIS C 69 -42.88 -11.72 14.21
C HIS C 69 -42.92 -11.15 15.63
N GLU C 70 -42.04 -11.67 16.48
CA GLU C 70 -41.98 -11.25 17.88
C GLU C 70 -41.54 -9.80 18.02
N CYS C 71 -40.56 -9.39 17.21
CA CYS C 71 -40.07 -8.02 17.22
C CYS C 71 -41.19 -7.04 16.86
N ALA C 72 -42.00 -7.42 15.88
CA ALA C 72 -43.15 -6.62 15.49
C ALA C 72 -44.16 -6.54 16.64
N LYS C 73 -44.29 -7.64 17.38
CA LYS C 73 -45.19 -7.70 18.52
C LYS C 73 -44.71 -6.79 19.64
N GLN C 74 -43.39 -6.72 19.81
CA GLN C 74 -42.78 -5.96 20.90
C GLN C 74 -42.98 -4.45 20.75
N VAL C 75 -42.68 -3.93 19.56
CA VAL C 75 -42.78 -2.49 19.33
C VAL C 75 -44.22 -2.01 19.36
N LYS C 76 -45.15 -2.91 19.06
CA LYS C 76 -46.57 -2.59 19.16
C LYS C 76 -46.99 -2.58 20.63
N LYS C 77 -46.43 -3.50 21.40
CA LYS C 77 -46.65 -3.51 22.84
C LYS C 77 -46.08 -2.24 23.47
N GLU C 78 -44.90 -1.85 23.02
CA GLU C 78 -44.24 -0.64 23.50
C GLU C 78 -45.04 0.63 23.17
N ALA C 79 -45.50 0.73 21.93
CA ALA C 79 -46.22 1.92 21.48
C ALA C 79 -47.52 2.09 22.25
N ARG C 80 -48.29 1.02 22.36
CA ARG C 80 -49.54 1.01 23.12
C ARG C 80 -49.30 1.43 24.57
N LYS C 81 -48.19 0.95 25.13
CA LYS C 81 -47.79 1.25 26.51
C LYS C 81 -47.85 2.73 26.86
N ASP C 82 -47.45 3.60 25.92
CA ASP C 82 -47.45 5.03 26.17
C ASP C 82 -48.41 5.76 25.23
N SER C 83 -49.62 5.21 25.11
CA SER C 83 -50.78 5.93 24.58
C SER C 83 -50.67 6.39 23.11
N HIS C 84 -50.00 5.60 22.27
CA HIS C 84 -49.94 5.91 20.85
C HIS C 84 -49.69 4.66 20.01
N TRP C 85 -49.58 4.86 18.70
CA TRP C 85 -49.34 3.77 17.77
C TRP C 85 -47.97 3.93 17.11
N LEU C 86 -47.73 3.15 16.07
CA LEU C 86 -46.42 3.08 15.42
C LEU C 86 -46.02 4.38 14.72
N ASN C 87 -44.71 4.58 14.59
CA ASN C 87 -44.16 5.75 13.92
C ASN C 87 -42.70 5.53 13.54
N CYS C 88 -41.99 6.63 13.26
CA CYS C 88 -40.60 6.56 12.84
C CYS C 88 -39.72 5.85 13.87
N ARG C 89 -39.95 6.14 15.15
CA ARG C 89 -39.14 5.55 16.21
C ARG C 89 -39.41 4.06 16.36
N THR C 90 -40.66 3.65 16.17
CA THR C 90 -41.01 2.24 16.21
C THR C 90 -40.35 1.50 15.06
N SER C 91 -40.20 2.19 13.93
CA SER C 91 -39.53 1.62 12.77
C SER C 91 -38.08 1.31 13.08
N ILE C 92 -37.42 2.24 13.77
CA ILE C 92 -36.03 2.05 14.18
C ILE C 92 -35.92 0.92 15.21
N ASN C 93 -36.83 0.92 16.17
CA ASN C 93 -36.84 -0.10 17.22
C ASN C 93 -37.12 -1.49 16.67
N TYR C 94 -37.88 -1.56 15.58
CA TYR C 94 -38.12 -2.82 14.90
C TYR C 94 -36.82 -3.32 14.28
N TYR C 95 -36.04 -2.40 13.74
CA TYR C 95 -34.74 -2.71 13.16
C TYR C 95 -33.76 -3.23 14.21
N ARG C 96 -33.65 -2.48 15.30
CA ARG C 96 -32.71 -2.84 16.38
C ARG C 96 -33.09 -4.15 17.06
N CYS C 97 -34.39 -4.39 17.17
CA CYS C 97 -34.88 -5.65 17.73
C CYS C 97 -34.47 -6.83 16.86
N VAL C 98 -34.62 -6.67 15.55
CA VAL C 98 -34.32 -7.74 14.60
C VAL C 98 -32.83 -8.10 14.60
N LEU C 99 -31.96 -7.09 14.55
CA LEU C 99 -30.52 -7.35 14.49
C LEU C 99 -29.93 -7.65 15.86
N THR C 100 -30.77 -7.69 16.89
CA THR C 100 -30.36 -8.23 18.18
C THR C 100 -30.15 -9.72 18.02
N SER C 101 -30.83 -10.30 17.03
CA SER C 101 -30.70 -11.72 16.72
C SER C 101 -29.31 -12.06 16.21
N LYS C 102 -28.84 -13.24 16.59
CA LYS C 102 -27.51 -13.72 16.26
C LYS C 102 -27.58 -14.54 14.98
N LEU C 103 -28.79 -14.63 14.43
CA LEU C 103 -29.04 -15.30 13.16
C LEU C 103 -28.48 -14.51 11.99
N ILE C 104 -28.25 -13.23 12.22
CA ILE C 104 -27.88 -12.32 11.14
C ILE C 104 -26.45 -11.80 11.27
N GLY C 105 -25.63 -12.06 10.26
CA GLY C 105 -24.32 -11.45 10.18
C GLY C 105 -24.49 -9.99 9.82
N PRO C 106 -24.16 -9.08 10.75
CA PRO C 106 -24.36 -7.63 10.63
C PRO C 106 -23.69 -7.06 9.39
N GLN C 107 -22.46 -7.51 9.11
CA GLN C 107 -21.73 -7.18 7.86
C GLN C 107 -22.30 -7.73 6.55
N ARG C 108 -22.76 -8.98 6.51
CA ARG C 108 -23.44 -9.47 5.30
C ARG C 108 -24.82 -8.83 5.15
N PHE C 109 -25.39 -8.40 6.26
CA PHE C 109 -26.69 -7.74 6.26
C PHE C 109 -26.64 -6.38 5.60
N ASP C 110 -25.75 -5.53 6.09
CA ASP C 110 -25.61 -4.17 5.57
C ASP C 110 -25.29 -4.18 4.08
N LYS C 111 -24.35 -5.04 3.68
CA LYS C 111 -24.00 -5.22 2.28
C LYS C 111 -25.23 -5.56 1.44
N ALA C 112 -26.07 -6.46 1.96
CA ALA C 112 -27.28 -6.88 1.27
C ALA C 112 -28.23 -5.71 1.04
N ILE C 113 -28.48 -4.94 2.09
CA ILE C 113 -29.36 -3.78 2.01
C ILE C 113 -28.81 -2.74 1.03
N GLN C 114 -27.49 -2.54 1.05
CA GLN C 114 -26.84 -1.62 0.13
C GLN C 114 -27.05 -2.08 -1.32
N ASP C 115 -26.88 -3.37 -1.56
CA ASP C 115 -27.06 -3.94 -2.90
C ASP C 115 -28.52 -3.85 -3.35
N TYR C 116 -29.41 -4.39 -2.52
CA TYR C 116 -30.84 -4.44 -2.82
C TYR C 116 -31.44 -3.04 -3.05
N ASP C 117 -30.84 -2.04 -2.43
CA ASP C 117 -31.30 -0.66 -2.56
C ASP C 117 -31.14 -0.13 -3.98
N LYS C 118 -30.12 -0.61 -4.67
CA LYS C 118 -29.78 -0.09 -6.00
C LYS C 118 -30.55 -0.80 -7.11
N THR C 119 -31.39 -1.76 -6.72
CA THR C 119 -32.24 -2.47 -7.67
C THR C 119 -33.66 -1.92 -7.64
N ILE C 120 -33.83 -0.79 -6.94
CA ILE C 120 -35.14 -0.18 -6.78
C ILE C 120 -35.15 1.26 -7.27
N SER C 121 -36.25 1.65 -7.93
CA SER C 121 -36.45 3.02 -8.37
C SER C 121 -37.94 3.30 -8.53
N VAL C 122 -38.40 4.49 -8.17
CA VAL C 122 -37.54 5.57 -7.68
C VAL C 122 -37.62 5.72 -6.17
N GLU D 1 0.60 -8.56 0.31
CA GLU D 1 2.04 -8.60 0.48
C GLU D 1 2.73 -9.13 -0.78
N THR D 2 1.97 -9.24 -1.86
CA THR D 2 2.55 -9.49 -3.18
C THR D 2 2.79 -8.11 -3.79
N PRO D 3 3.77 -7.99 -4.70
CA PRO D 3 4.08 -6.69 -5.32
C PRO D 3 2.86 -5.94 -5.81
N SER D 4 1.92 -6.66 -6.43
CA SER D 4 0.66 -6.07 -6.88
C SER D 4 -0.15 -5.53 -5.71
N GLN D 5 -0.36 -6.37 -4.70
CA GLN D 5 -1.07 -5.97 -3.49
C GLN D 5 -0.35 -4.83 -2.78
N LYS D 6 0.95 -5.01 -2.58
CA LYS D 6 1.81 -4.01 -1.94
C LYS D 6 1.66 -2.63 -2.56
N CYS D 7 1.62 -2.58 -3.89
CA CYS D 7 1.65 -1.32 -4.61
C CYS D 7 0.29 -0.61 -4.68
N GLU D 8 -0.79 -1.38 -4.74
CA GLU D 8 -2.11 -0.75 -4.85
C GLU D 8 -2.61 -0.28 -3.49
N GLU D 9 -2.13 -0.92 -2.43
CA GLU D 9 -2.40 -0.44 -1.09
C GLU D 9 -1.75 0.92 -0.86
N LYS D 10 -0.60 1.13 -1.49
CA LYS D 10 0.16 2.36 -1.31
C LYS D 10 -0.51 3.55 -1.97
N TYR D 11 -0.96 3.38 -3.21
CA TYR D 11 -1.55 4.48 -3.96
C TYR D 11 -3.04 4.61 -3.67
N LYS D 12 -3.36 4.72 -2.38
CA LYS D 12 -4.73 4.92 -1.91
C LYS D 12 -4.74 5.63 -0.56
N THR D 15 -0.87 7.81 -4.22
CA THR D 15 -2.24 8.02 -3.77
C THR D 15 -3.05 8.82 -4.81
N ASP D 16 -2.41 9.77 -5.50
CA ASP D 16 -2.98 10.37 -6.73
C ASP D 16 -1.89 10.74 -7.77
N LYS D 17 -0.64 10.33 -7.50
CA LYS D 17 0.32 10.09 -8.58
C LYS D 17 0.17 8.62 -8.93
N ILE D 18 -1.05 8.27 -9.32
CA ILE D 18 -1.46 6.90 -9.56
C ILE D 18 -0.74 6.30 -10.76
N SER D 19 -0.09 7.16 -11.56
CA SER D 19 0.65 6.71 -12.72
C SER D 19 1.86 5.89 -12.32
N CYS D 20 2.37 6.13 -11.12
CA CYS D 20 3.56 5.44 -10.64
C CYS D 20 3.25 4.02 -10.18
N LEU D 21 1.97 3.68 -10.18
CA LEU D 21 1.51 2.34 -9.79
C LEU D 21 2.14 1.27 -10.67
N HIS D 22 2.31 1.59 -11.95
CA HIS D 22 2.89 0.67 -12.90
C HIS D 22 4.37 0.45 -12.63
N HIS D 23 5.09 1.53 -12.37
CA HIS D 23 6.52 1.44 -12.07
C HIS D 23 6.76 0.63 -10.80
N CYS D 24 5.94 0.87 -9.78
CA CYS D 24 6.05 0.20 -8.50
C CYS D 24 6.08 -1.32 -8.66
N LYS D 25 5.10 -1.87 -9.38
CA LYS D 25 5.09 -3.30 -9.65
C LYS D 25 6.36 -3.75 -10.37
N TYR D 26 6.73 -3.01 -11.42
CA TYR D 26 7.79 -3.43 -12.31
C TYR D 26 9.18 -3.33 -11.70
N GLN D 27 9.34 -2.53 -10.66
CA GLN D 27 10.63 -2.42 -10.01
C GLN D 27 10.85 -3.63 -9.10
N TYR D 28 9.77 -4.15 -8.53
CA TYR D 28 9.85 -5.35 -7.70
C TYR D 28 10.11 -6.57 -8.57
N TYR D 29 9.47 -6.63 -9.72
CA TYR D 29 9.68 -7.72 -10.67
C TYR D 29 11.12 -7.68 -11.16
N GLY D 30 11.71 -6.50 -11.17
CA GLY D 30 13.08 -6.33 -11.63
C GLY D 30 13.14 -6.09 -13.12
N PHE D 31 12.07 -5.51 -13.67
CA PHE D 31 12.01 -5.21 -15.10
C PHE D 31 12.42 -3.77 -15.34
N ILE D 32 12.34 -2.96 -14.28
CA ILE D 32 12.77 -1.56 -14.31
C ILE D 32 13.49 -1.26 -13.00
N ASP D 33 14.61 -0.55 -13.09
CA ASP D 33 15.41 -0.24 -11.91
C ASP D 33 14.70 0.78 -11.01
N VAL D 34 15.16 0.90 -9.77
CA VAL D 34 14.54 1.79 -8.80
C VAL D 34 14.75 3.25 -9.16
N ASN D 35 15.71 3.52 -10.05
CA ASN D 35 15.95 4.87 -10.53
C ASN D 35 15.32 5.09 -11.91
N TYR D 36 14.25 4.34 -12.18
CA TYR D 36 13.48 4.43 -13.43
C TYR D 36 14.29 4.07 -14.67
N ASN D 37 15.46 3.47 -14.50
CA ASN D 37 16.34 3.19 -15.62
C ASN D 37 16.22 1.75 -16.12
N ILE D 38 16.32 1.58 -17.44
CA ILE D 38 16.39 0.27 -18.04
C ILE D 38 17.77 0.05 -18.67
N ALA D 39 18.56 -0.83 -18.05
CA ALA D 39 19.83 -1.26 -18.61
C ALA D 39 19.71 -2.73 -18.98
N GLN D 40 20.83 -3.42 -19.22
CA GLN D 40 20.77 -4.81 -19.66
C GLN D 40 20.51 -5.76 -18.50
N SER D 41 20.67 -5.26 -17.28
CA SER D 41 20.27 -6.00 -16.09
C SER D 41 18.78 -6.33 -16.14
N GLU D 42 17.98 -5.29 -16.40
CA GLU D 42 16.53 -5.41 -16.41
C GLU D 42 16.03 -6.17 -17.63
N ILE D 43 16.72 -6.00 -18.76
CA ILE D 43 16.33 -6.66 -19.99
C ILE D 43 16.59 -8.16 -19.90
N ARG D 44 17.70 -8.51 -19.27
CA ARG D 44 18.01 -9.92 -18.98
C ARG D 44 16.90 -10.54 -18.14
N LYS D 45 16.49 -9.81 -17.10
CA LYS D 45 15.49 -10.29 -16.16
C LYS D 45 14.11 -10.46 -16.80
N PHE D 46 13.71 -9.49 -17.61
CA PHE D 46 12.38 -9.47 -18.20
C PHE D 46 12.23 -10.55 -19.28
N SER D 47 13.25 -10.71 -20.11
CA SER D 47 13.23 -11.72 -21.16
C SER D 47 13.28 -13.12 -20.56
N ASN D 48 13.99 -13.26 -19.44
CA ASN D 48 14.09 -14.55 -18.77
C ASN D 48 12.78 -14.97 -18.12
N VAL D 49 11.96 -14.00 -17.74
CA VAL D 49 10.66 -14.30 -17.17
C VAL D 49 9.69 -14.75 -18.26
N LEU D 50 9.69 -14.04 -19.38
CA LEU D 50 8.81 -14.38 -20.50
C LEU D 50 9.11 -15.76 -21.09
N MET D 51 10.37 -16.20 -20.96
CA MET D 51 10.73 -17.55 -21.37
C MET D 51 10.26 -18.62 -20.39
N ASP D 52 10.57 -18.41 -19.12
CA ASP D 52 10.25 -19.37 -18.08
C ASP D 52 8.74 -19.41 -17.82
N TYR D 53 7.97 -18.75 -18.68
CA TYR D 53 6.51 -18.74 -18.59
C TYR D 53 5.84 -18.95 -19.95
N GLY D 54 6.61 -19.44 -20.92
CA GLY D 54 6.06 -19.83 -22.21
C GLY D 54 5.56 -18.70 -23.10
N VAL D 55 5.64 -17.46 -22.61
CA VAL D 55 5.22 -16.30 -23.39
C VAL D 55 5.96 -16.23 -24.72
N VAL D 56 7.27 -16.41 -24.65
CA VAL D 56 8.09 -16.44 -25.86
C VAL D 56 8.92 -17.71 -25.93
N ASP D 57 8.82 -18.43 -27.04
CA ASP D 57 9.64 -19.60 -27.26
C ASP D 57 11.10 -19.19 -27.37
N LYS D 58 12.01 -20.07 -26.97
CA LYS D 58 13.43 -19.73 -26.92
C LYS D 58 14.02 -19.49 -28.30
N SER D 59 13.28 -19.84 -29.34
CA SER D 59 13.72 -19.62 -30.72
C SER D 59 13.79 -18.14 -31.06
N LYS D 60 12.98 -17.32 -30.40
CA LYS D 60 12.83 -15.92 -30.74
C LYS D 60 13.33 -15.04 -29.62
N LYS D 61 14.27 -15.56 -28.84
CA LYS D 61 14.76 -14.88 -27.65
C LYS D 61 15.71 -13.72 -27.90
N ARG D 62 16.74 -13.96 -28.70
CA ARG D 62 17.75 -12.95 -28.93
C ARG D 62 17.14 -11.73 -29.61
N GLU D 63 16.15 -11.97 -30.46
CA GLU D 63 15.40 -10.88 -31.06
C GLU D 63 14.56 -10.18 -29.99
N LEU D 64 13.80 -10.97 -29.23
CA LEU D 64 12.98 -10.44 -28.15
C LEU D 64 13.75 -9.45 -27.30
N LYS D 65 15.00 -9.78 -26.99
CA LYS D 65 15.87 -8.89 -26.23
C LYS D 65 16.15 -7.59 -26.98
N LYS D 66 16.28 -7.68 -28.30
CA LYS D 66 16.55 -6.48 -29.10
C LYS D 66 15.31 -5.60 -29.18
N VAL D 67 14.14 -6.22 -29.17
CA VAL D 67 12.89 -5.47 -29.13
C VAL D 67 12.85 -4.62 -27.86
N MET D 68 13.25 -5.23 -26.75
CA MET D 68 13.31 -4.58 -25.46
C MET D 68 14.46 -3.58 -25.40
N HIS D 69 15.64 -4.00 -25.86
CA HIS D 69 16.76 -3.09 -26.02
C HIS D 69 16.35 -1.92 -26.89
N GLU D 70 15.58 -2.17 -27.94
CA GLU D 70 15.24 -1.05 -28.79
C GLU D 70 14.00 -0.27 -28.30
N CYS D 71 13.28 -0.83 -27.34
CA CYS D 71 12.23 -0.04 -26.73
C CYS D 71 12.83 0.81 -25.62
N ALA D 72 13.92 0.33 -25.05
CA ALA D 72 14.64 1.08 -24.03
C ALA D 72 15.38 2.30 -24.57
N LYS D 73 15.82 2.25 -25.83
CA LYS D 73 16.59 3.37 -26.38
C LYS D 73 15.64 4.48 -26.80
N GLN D 74 14.36 4.15 -26.94
CA GLN D 74 13.39 5.09 -27.49
C GLN D 74 12.82 6.01 -26.42
N VAL D 75 12.47 5.45 -25.28
CA VAL D 75 11.94 6.22 -24.16
C VAL D 75 12.99 7.21 -23.62
N LYS D 76 14.26 6.82 -23.71
CA LYS D 76 15.34 7.67 -23.23
C LYS D 76 15.52 8.88 -24.16
N LYS D 77 15.46 8.65 -25.46
CA LYS D 77 15.54 9.72 -26.43
C LYS D 77 14.34 10.66 -26.30
N GLU D 78 13.18 10.09 -26.06
CA GLU D 78 11.96 10.86 -25.89
C GLU D 78 12.03 11.75 -24.65
N ALA D 79 12.72 11.25 -23.63
CA ALA D 79 12.86 11.98 -22.37
C ALA D 79 13.77 13.18 -22.53
N ARG D 80 14.95 12.95 -23.10
CA ARG D 80 15.94 14.00 -23.32
C ARG D 80 15.40 15.13 -24.20
N LYS D 81 14.60 14.75 -25.20
CA LYS D 81 13.98 15.72 -26.09
C LYS D 81 13.04 16.64 -25.32
N ASP D 82 12.46 16.11 -24.24
CA ASP D 82 11.58 16.91 -23.39
C ASP D 82 12.33 17.44 -22.17
N SER D 83 13.65 17.53 -22.29
CA SER D 83 14.52 18.18 -21.29
C SER D 83 14.43 17.57 -19.89
N HIS D 84 14.44 16.25 -19.81
CA HIS D 84 14.46 15.58 -18.51
C HIS D 84 14.88 14.12 -18.65
N TRP D 85 14.82 13.38 -17.54
CA TRP D 85 15.21 11.98 -17.54
C TRP D 85 14.00 11.08 -17.21
N LEU D 86 14.27 9.81 -16.97
CA LEU D 86 13.23 8.80 -16.82
C LEU D 86 12.39 8.97 -15.55
N ASN D 87 11.17 8.45 -15.60
CA ASN D 87 10.25 8.50 -14.47
C ASN D 87 9.08 7.53 -14.67
N CYS D 88 7.98 7.78 -13.97
CA CYS D 88 6.79 6.92 -14.04
C CYS D 88 6.29 6.78 -15.47
N ARG D 89 6.24 7.90 -16.19
CA ARG D 89 5.69 7.92 -17.54
C ARG D 89 6.54 7.11 -18.53
N THR D 90 7.86 7.22 -18.40
CA THR D 90 8.76 6.47 -19.27
C THR D 90 8.66 4.98 -18.98
N SER D 91 8.35 4.64 -17.73
CA SER D 91 8.17 3.24 -17.34
C SER D 91 6.96 2.65 -18.05
N ILE D 92 5.89 3.44 -18.16
CA ILE D 92 4.69 3.02 -18.85
C ILE D 92 4.93 2.89 -20.36
N ASN D 93 5.56 3.92 -20.94
CA ASN D 93 5.85 3.93 -22.37
C ASN D 93 6.76 2.78 -22.79
N TYR D 94 7.61 2.34 -21.87
CA TYR D 94 8.48 1.20 -22.10
C TYR D 94 7.66 -0.08 -22.27
N TYR D 95 6.67 -0.25 -21.39
CA TYR D 95 5.75 -1.37 -21.47
C TYR D 95 4.94 -1.33 -22.77
N ARG D 96 4.38 -0.16 -23.06
CA ARG D 96 3.58 0.03 -24.26
C ARG D 96 4.37 -0.24 -25.53
N CYS D 97 5.62 0.20 -25.55
CA CYS D 97 6.50 -0.01 -26.69
C CYS D 97 6.75 -1.50 -26.93
N VAL D 98 6.96 -2.24 -25.85
CA VAL D 98 7.33 -3.65 -25.93
C VAL D 98 6.18 -4.52 -26.45
N LEU D 99 4.96 -4.21 -26.05
CA LEU D 99 3.81 -5.01 -26.46
C LEU D 99 3.25 -4.61 -27.82
N THR D 100 3.91 -3.66 -28.48
CA THR D 100 3.59 -3.40 -29.89
C THR D 100 4.11 -4.56 -30.71
N SER D 101 5.13 -5.24 -30.17
CA SER D 101 5.75 -6.38 -30.82
C SER D 101 4.78 -7.55 -30.97
N LYS D 102 4.75 -8.15 -32.15
CA LYS D 102 3.85 -9.26 -32.44
C LYS D 102 4.37 -10.57 -31.86
N LEU D 103 5.57 -10.54 -31.28
CA LEU D 103 6.19 -11.73 -30.71
C LEU D 103 5.56 -12.11 -29.37
N ILE D 104 4.80 -11.18 -28.80
CA ILE D 104 4.20 -11.40 -27.48
C ILE D 104 2.68 -11.51 -27.57
N GLY D 105 2.15 -12.60 -27.03
CA GLY D 105 0.71 -12.77 -26.95
C GLY D 105 0.18 -12.06 -25.72
N PRO D 106 -0.70 -11.07 -25.93
CA PRO D 106 -1.28 -10.30 -24.83
C PRO D 106 -1.79 -11.19 -23.69
N GLN D 107 -2.79 -12.03 -23.98
CA GLN D 107 -3.40 -12.90 -22.98
C GLN D 107 -2.37 -13.76 -22.23
N ARG D 108 -1.35 -14.23 -22.93
CA ARG D 108 -0.30 -15.03 -22.30
C ARG D 108 0.64 -14.16 -21.46
N PHE D 109 0.83 -12.93 -21.90
CA PHE D 109 1.69 -11.98 -21.18
C PHE D 109 1.09 -11.61 -19.82
N ASP D 110 -0.14 -11.10 -19.83
CA ASP D 110 -0.78 -10.68 -18.58
C ASP D 110 -0.88 -11.86 -17.61
N LYS D 111 -1.09 -13.05 -18.16
CA LYS D 111 -1.20 -14.26 -17.37
C LYS D 111 0.13 -14.62 -16.70
N ALA D 112 1.22 -14.45 -17.45
CA ALA D 112 2.56 -14.74 -16.94
C ALA D 112 2.91 -13.84 -15.77
N ILE D 113 2.72 -12.54 -15.96
CA ILE D 113 3.00 -11.56 -14.92
C ILE D 113 2.09 -11.80 -13.71
N GLN D 114 0.85 -12.19 -13.98
CA GLN D 114 -0.13 -12.48 -12.94
C GLN D 114 0.35 -13.62 -12.04
N ASP D 115 0.95 -14.64 -12.65
CA ASP D 115 1.42 -15.81 -11.91
C ASP D 115 2.79 -15.56 -11.29
N TYR D 116 3.60 -14.74 -11.96
CA TYR D 116 4.93 -14.41 -11.49
C TYR D 116 4.87 -13.49 -10.27
N ASP D 117 3.85 -12.64 -10.25
CA ASP D 117 3.64 -11.71 -9.14
C ASP D 117 3.30 -12.43 -7.84
N LYS D 118 2.68 -13.61 -7.97
CA LYS D 118 2.29 -14.41 -6.81
C LYS D 118 3.48 -15.09 -6.13
N THR D 119 4.65 -15.03 -6.78
CA THR D 119 5.82 -15.73 -6.29
C THR D 119 6.80 -14.81 -5.57
N ILE D 120 6.40 -13.56 -5.35
CA ILE D 120 7.28 -12.57 -4.77
C ILE D 120 6.70 -11.95 -3.49
N SER D 121 7.55 -11.76 -2.48
CA SER D 121 7.12 -11.21 -1.20
C SER D 121 8.27 -10.50 -0.47
N VAL D 122 8.11 -9.20 -0.23
CA VAL D 122 6.93 -8.48 -0.67
C VAL D 122 7.22 -7.67 -1.92
N GLU E 1 -11.49 -30.29 9.66
CA GLU E 1 -10.95 -28.97 9.35
C GLU E 1 -9.40 -28.80 9.32
N THR E 2 -8.69 -28.95 10.45
CA THR E 2 -7.25 -28.59 10.45
C THR E 2 -6.22 -29.78 10.36
N PRO E 3 -5.21 -29.71 9.48
CA PRO E 3 -4.20 -30.79 9.26
C PRO E 3 -3.81 -31.69 10.43
N SER E 4 -3.36 -31.11 11.54
CA SER E 4 -2.97 -31.91 12.69
C SER E 4 -4.15 -32.70 13.21
N GLN E 5 -5.33 -32.07 13.29
CA GLN E 5 -6.52 -32.78 13.74
C GLN E 5 -6.87 -33.94 12.78
N LYS E 6 -6.40 -33.91 11.52
CA LYS E 6 -6.85 -34.94 10.53
C LYS E 6 -5.97 -36.13 10.45
N CYS E 7 -4.68 -35.88 10.59
CA CYS E 7 -3.69 -36.88 10.40
C CYS E 7 -3.77 -37.88 11.55
N GLU E 8 -3.97 -37.37 12.77
CA GLU E 8 -4.11 -38.25 13.93
C GLU E 8 -5.30 -39.18 13.75
N GLU E 9 -6.43 -38.59 13.38
CA GLU E 9 -7.65 -39.33 13.15
C GLU E 9 -7.47 -40.30 11.99
N LYS E 10 -6.58 -39.95 11.05
CA LYS E 10 -6.25 -40.91 9.99
C LYS E 10 -5.46 -42.11 10.56
N TYR E 11 -4.55 -41.85 11.48
CA TYR E 11 -3.68 -42.94 11.97
C TYR E 11 -4.07 -43.45 13.37
N LYS E 12 -5.15 -44.20 13.50
CA LYS E 12 -5.56 -44.66 14.82
C LYS E 12 -6.23 -46.01 14.84
N THR E 15 -2.97 -45.92 10.14
CA THR E 15 -3.34 -46.52 11.42
C THR E 15 -2.40 -47.65 11.77
N ASP E 16 -1.28 -47.72 11.07
CA ASP E 16 -0.32 -48.79 11.18
C ASP E 16 1.02 -48.09 11.28
N LYS E 17 1.37 -47.42 10.20
CA LYS E 17 2.65 -46.77 10.08
C LYS E 17 2.54 -45.33 10.56
N ILE E 18 2.89 -45.12 11.82
CA ILE E 18 2.67 -43.85 12.49
C ILE E 18 3.77 -42.84 12.15
N SER E 19 4.83 -43.31 11.50
CA SER E 19 5.93 -42.45 11.13
C SER E 19 5.49 -41.40 10.10
N CYS E 20 4.55 -41.79 9.24
CA CYS E 20 4.06 -40.91 8.20
C CYS E 20 3.10 -39.84 8.71
N LEU E 21 2.92 -39.80 10.04
CA LEU E 21 2.09 -38.79 10.66
C LEU E 21 2.69 -37.40 10.44
N HIS E 22 4.01 -37.33 10.50
CA HIS E 22 4.73 -36.08 10.32
C HIS E 22 4.59 -35.50 8.92
N HIS E 23 4.82 -36.33 7.91
CA HIS E 23 4.73 -35.89 6.52
C HIS E 23 3.33 -35.43 6.17
N CYS E 24 2.33 -36.12 6.72
CA CYS E 24 0.93 -35.79 6.48
C CYS E 24 0.63 -34.34 6.85
N LYS E 25 1.12 -33.90 8.00
CA LYS E 25 0.96 -32.52 8.43
C LYS E 25 1.61 -31.57 7.45
N TYR E 26 2.84 -31.90 7.04
CA TYR E 26 3.66 -31.01 6.24
C TYR E 26 3.25 -30.96 4.76
N GLN E 27 2.34 -31.85 4.36
CA GLN E 27 1.85 -31.82 2.99
C GLN E 27 0.64 -30.89 2.90
N TYR E 28 -0.06 -30.72 4.01
CA TYR E 28 -1.16 -29.77 4.09
C TYR E 28 -0.60 -28.37 4.34
N TYR E 29 0.57 -28.32 4.96
CA TYR E 29 1.23 -27.05 5.24
C TYR E 29 1.88 -26.49 3.98
N GLY E 30 2.19 -27.39 3.04
CA GLY E 30 2.83 -27.01 1.81
C GLY E 30 4.35 -27.02 1.91
N PHE E 31 4.86 -27.67 2.94
CA PHE E 31 6.30 -27.73 3.19
C PHE E 31 6.96 -28.86 2.40
N ILE E 32 6.17 -29.90 2.12
CA ILE E 32 6.60 -31.03 1.31
C ILE E 32 5.43 -31.44 0.42
N ASP E 33 5.67 -31.68 -0.86
CA ASP E 33 4.58 -32.05 -1.75
C ASP E 33 4.23 -33.52 -1.57
N VAL E 34 3.07 -33.91 -2.07
CA VAL E 34 2.48 -35.23 -1.83
C VAL E 34 3.36 -36.40 -2.27
N ASN E 35 4.32 -36.14 -3.16
CA ASN E 35 5.23 -37.19 -3.63
C ASN E 35 6.53 -37.21 -2.82
N TYR E 36 6.46 -36.69 -1.59
CA TYR E 36 7.58 -36.65 -0.65
C TYR E 36 8.73 -35.77 -1.11
N ASN E 37 8.54 -35.02 -2.19
CA ASN E 37 9.62 -34.21 -2.75
C ASN E 37 9.69 -32.81 -2.13
N ILE E 38 10.91 -32.32 -1.97
CA ILE E 38 11.14 -30.95 -1.54
C ILE E 38 11.86 -30.17 -2.63
N ALA E 39 11.22 -29.13 -3.15
CA ALA E 39 11.80 -28.31 -4.20
C ALA E 39 11.73 -26.83 -3.84
N GLN E 40 11.88 -25.97 -4.83
CA GLN E 40 12.00 -24.52 -4.58
C GLN E 40 10.69 -23.90 -4.08
N SER E 41 9.56 -24.54 -4.36
CA SER E 41 8.27 -23.99 -3.97
C SER E 41 7.87 -24.45 -2.57
N GLU E 42 8.24 -25.68 -2.22
CA GLU E 42 8.02 -26.18 -0.88
C GLU E 42 8.92 -25.45 0.11
N ILE E 43 10.12 -25.09 -0.37
CA ILE E 43 11.06 -24.29 0.41
C ILE E 43 10.55 -22.85 0.49
N ARG E 44 9.91 -22.40 -0.58
CA ARG E 44 9.36 -21.05 -0.63
C ARG E 44 8.26 -20.84 0.42
N LYS E 45 7.35 -21.81 0.52
CA LYS E 45 6.21 -21.68 1.43
C LYS E 45 6.64 -21.78 2.89
N PHE E 46 7.63 -22.62 3.16
CA PHE E 46 8.10 -22.83 4.52
C PHE E 46 8.69 -21.57 5.14
N SER E 47 9.50 -20.86 4.37
CA SER E 47 10.16 -19.65 4.84
C SER E 47 9.15 -18.59 5.31
N ASN E 48 8.16 -18.32 4.48
CA ASN E 48 7.20 -17.26 4.75
C ASN E 48 6.34 -17.53 5.98
N VAL E 49 6.08 -18.80 6.27
CA VAL E 49 5.34 -19.15 7.49
C VAL E 49 6.21 -18.81 8.71
N LEU E 50 7.52 -18.79 8.52
CA LEU E 50 8.44 -18.46 9.59
C LEU E 50 8.64 -16.95 9.72
N MET E 51 8.30 -16.20 8.67
CA MET E 51 8.35 -14.74 8.72
C MET E 51 7.06 -14.16 9.25
N ASP E 52 5.96 -14.51 8.60
CA ASP E 52 4.65 -14.00 8.97
C ASP E 52 4.27 -14.40 10.40
N TYR E 53 5.10 -15.20 11.07
CA TYR E 53 4.85 -15.48 12.47
C TYR E 53 6.01 -15.12 13.36
N GLY E 54 7.07 -14.64 12.73
CA GLY E 54 8.19 -14.10 13.47
C GLY E 54 8.95 -15.18 14.20
N VAL E 55 9.28 -16.24 13.47
CA VAL E 55 10.17 -17.27 14.01
C VAL E 55 11.60 -16.80 13.86
N VAL E 56 11.95 -16.41 12.63
CA VAL E 56 13.18 -15.66 12.39
C VAL E 56 12.82 -14.51 11.47
N ASP E 57 13.42 -13.35 11.70
CA ASP E 57 12.93 -12.11 11.10
C ASP E 57 13.44 -11.80 9.70
N LYS E 58 12.79 -10.80 9.11
CA LYS E 58 13.21 -10.04 7.94
C LYS E 58 14.75 -9.72 7.90
N SER E 59 15.60 -10.59 8.44
CA SER E 59 17.01 -10.21 8.37
C SER E 59 17.94 -11.30 7.80
N LYS E 60 18.35 -12.28 8.59
CA LYS E 60 19.04 -13.45 8.02
C LYS E 60 18.07 -14.63 7.85
N LYS E 61 16.86 -14.22 7.50
CA LYS E 61 16.04 -14.88 6.50
C LYS E 61 16.92 -15.14 5.25
N ARG E 62 17.97 -14.30 5.08
CA ARG E 62 19.17 -14.59 4.25
C ARG E 62 19.34 -16.03 3.80
N GLU E 63 19.96 -16.76 4.72
CA GLU E 63 20.64 -18.01 4.45
C GLU E 63 19.71 -19.16 4.84
N LEU E 64 18.62 -18.78 5.49
CA LEU E 64 17.64 -19.74 5.99
C LEU E 64 17.09 -20.64 4.88
N LYS E 65 16.92 -20.12 3.68
CA LYS E 65 16.52 -21.01 2.58
C LYS E 65 17.69 -21.88 2.15
N LYS E 66 18.91 -21.37 2.27
CA LYS E 66 20.07 -22.13 1.80
C LYS E 66 20.32 -23.29 2.74
N VAL E 67 19.99 -23.12 4.02
CA VAL E 67 20.07 -24.24 4.94
C VAL E 67 18.92 -25.20 4.64
N MET E 68 17.83 -24.66 4.11
CA MET E 68 16.71 -25.50 3.66
C MET E 68 17.09 -26.21 2.38
N HIS E 69 17.63 -25.45 1.43
CA HIS E 69 18.09 -26.00 0.16
C HIS E 69 19.16 -27.05 0.40
N GLU E 70 19.96 -26.85 1.44
CA GLU E 70 21.03 -27.78 1.78
C GLU E 70 20.46 -29.09 2.33
N CYS E 71 19.55 -28.98 3.30
CA CYS E 71 18.92 -30.16 3.89
C CYS E 71 18.13 -30.94 2.85
N ALA E 72 17.59 -30.23 1.87
CA ALA E 72 16.91 -30.86 0.75
C ALA E 72 17.93 -31.67 -0.05
N LYS E 73 19.04 -31.03 -0.40
CA LYS E 73 20.14 -31.69 -1.09
C LYS E 73 20.56 -32.97 -0.39
N GLN E 74 20.77 -32.87 0.91
CA GLN E 74 21.38 -33.95 1.68
C GLN E 74 20.47 -35.17 1.81
N VAL E 75 19.22 -34.95 2.24
CA VAL E 75 18.30 -36.06 2.47
C VAL E 75 18.00 -36.79 1.16
N LYS E 76 18.14 -36.08 0.04
CA LYS E 76 18.04 -36.71 -1.27
C LYS E 76 19.29 -37.54 -1.54
N LYS E 77 20.43 -37.03 -1.11
CA LYS E 77 21.71 -37.69 -1.35
C LYS E 77 21.85 -39.00 -0.56
N GLU E 78 21.31 -39.03 0.66
CA GLU E 78 21.33 -40.29 1.41
C GLU E 78 20.27 -41.23 0.89
N ALA E 79 19.17 -40.67 0.38
CA ALA E 79 18.09 -41.45 -0.19
C ALA E 79 18.58 -42.33 -1.35
N ARG E 80 19.36 -41.73 -2.25
CA ARG E 80 19.89 -42.46 -3.40
C ARG E 80 21.01 -43.41 -2.99
N LYS E 81 21.74 -43.05 -1.93
CA LYS E 81 22.82 -43.88 -1.41
C LYS E 81 22.28 -45.23 -0.96
N ASP E 82 21.04 -45.23 -0.49
CA ASP E 82 20.37 -46.46 -0.07
C ASP E 82 19.49 -46.98 -1.21
N SER E 83 19.76 -46.49 -2.42
CA SER E 83 19.10 -46.95 -3.64
C SER E 83 17.57 -46.85 -3.61
N HIS E 84 17.07 -45.73 -3.12
CA HIS E 84 15.65 -45.43 -3.20
C HIS E 84 15.45 -43.92 -3.29
N TRP E 85 14.23 -43.45 -3.03
CA TRP E 85 13.96 -42.01 -3.11
C TRP E 85 13.27 -41.53 -1.83
N LEU E 86 12.75 -40.31 -1.88
CA LEU E 86 12.17 -39.64 -0.72
C LEU E 86 10.95 -40.38 -0.18
N ASN E 87 10.76 -40.32 1.13
CA ASN E 87 9.64 -40.97 1.79
C ASN E 87 9.29 -40.31 3.11
N CYS E 88 8.67 -41.06 4.00
CA CYS E 88 8.23 -40.55 5.29
C CYS E 88 9.42 -40.21 6.20
N ARG E 89 10.44 -41.06 6.14
CA ARG E 89 11.63 -40.86 6.96
C ARG E 89 12.47 -39.69 6.46
N THR E 90 12.52 -39.51 5.14
CA THR E 90 13.26 -38.38 4.55
C THR E 90 12.57 -37.06 4.89
N SER E 91 11.26 -37.11 5.08
CA SER E 91 10.49 -35.94 5.47
C SER E 91 10.82 -35.53 6.90
N ILE E 92 11.08 -36.52 7.74
CA ILE E 92 11.46 -36.28 9.13
C ILE E 92 12.90 -35.78 9.22
N ASN E 93 13.77 -36.40 8.43
CA ASN E 93 15.18 -36.01 8.42
C ASN E 93 15.40 -34.67 7.74
N TYR E 94 14.37 -34.16 7.07
CA TYR E 94 14.41 -32.82 6.52
C TYR E 94 14.06 -31.81 7.60
N TYR E 95 13.11 -32.20 8.46
CA TYR E 95 12.74 -31.39 9.61
C TYR E 95 13.89 -31.29 10.61
N ARG E 96 14.48 -32.44 10.94
CA ARG E 96 15.58 -32.52 11.87
C ARG E 96 16.79 -31.75 11.38
N CYS E 97 17.04 -31.82 10.07
CA CYS E 97 18.17 -31.12 9.47
C CYS E 97 17.98 -29.61 9.51
N VAL E 98 16.73 -29.16 9.42
CA VAL E 98 16.44 -27.73 9.44
C VAL E 98 16.60 -27.17 10.85
N LEU E 99 16.04 -27.87 11.84
CA LEU E 99 16.07 -27.40 13.22
C LEU E 99 17.42 -27.61 13.90
N THR E 100 18.37 -28.21 13.20
CA THR E 100 19.73 -28.29 13.70
C THR E 100 20.39 -26.92 13.61
N SER E 101 19.72 -26.01 12.92
CA SER E 101 20.21 -24.67 12.70
C SER E 101 19.94 -23.76 13.89
N LYS E 102 20.81 -22.77 14.06
CA LYS E 102 20.81 -21.93 15.26
C LYS E 102 19.97 -20.67 15.02
N LEU E 103 19.38 -20.60 13.83
CA LEU E 103 18.54 -19.47 13.45
C LEU E 103 17.15 -19.59 14.03
N ILE E 104 16.71 -20.82 14.24
CA ILE E 104 15.34 -21.09 14.68
C ILE E 104 15.27 -21.38 16.18
N GLY E 105 14.44 -20.61 16.89
CA GLY E 105 14.15 -20.90 18.28
C GLY E 105 13.07 -21.96 18.35
N PRO E 106 13.38 -23.11 18.97
CA PRO E 106 12.51 -24.28 19.03
C PRO E 106 11.09 -24.00 19.54
N GLN E 107 10.95 -23.42 20.73
CA GLN E 107 9.63 -23.04 21.21
C GLN E 107 9.07 -21.83 20.46
N ARG E 108 9.92 -21.04 19.79
CA ARG E 108 9.38 -20.02 18.91
C ARG E 108 8.92 -20.58 17.57
N PHE E 109 9.39 -21.80 17.29
CA PHE E 109 9.08 -22.46 16.03
C PHE E 109 7.75 -23.18 16.09
N ASP E 110 7.60 -24.05 17.09
CA ASP E 110 6.42 -24.88 17.22
C ASP E 110 5.28 -24.19 17.95
N LYS E 111 5.41 -22.91 18.25
CA LYS E 111 4.19 -22.18 18.53
C LYS E 111 3.73 -21.79 17.15
N ALA E 112 4.69 -21.61 16.24
CA ALA E 112 4.36 -21.11 14.91
C ALA E 112 4.13 -22.23 13.89
N ILE E 113 3.64 -23.38 14.37
CA ILE E 113 3.21 -24.52 13.53
C ILE E 113 1.80 -25.04 13.84
N GLN E 114 1.61 -25.62 15.02
CA GLN E 114 0.27 -25.99 15.46
C GLN E 114 -0.59 -24.74 15.59
N ASP E 115 0.00 -23.56 15.76
CA ASP E 115 -0.77 -22.36 15.43
C ASP E 115 -1.27 -22.57 13.96
N TYR E 116 -0.34 -22.74 13.01
CA TYR E 116 -0.60 -22.45 11.58
C TYR E 116 -1.46 -23.43 10.85
N ASP E 117 -1.44 -24.60 11.39
CA ASP E 117 -2.66 -25.32 11.55
C ASP E 117 -3.89 -24.29 11.49
N LYS E 118 -3.86 -23.09 12.16
CA LYS E 118 -5.05 -22.11 12.26
C LYS E 118 -5.93 -22.19 11.07
N THR E 119 -5.18 -21.94 10.00
CA THR E 119 -5.57 -21.21 8.83
C THR E 119 -6.07 -22.19 7.83
N ILE E 120 -5.52 -23.38 7.97
CA ILE E 120 -5.74 -24.46 7.04
C ILE E 120 -6.95 -25.27 7.48
N SER E 121 -7.80 -25.53 6.52
CA SER E 121 -9.12 -26.13 6.71
C SER E 121 -9.65 -26.30 5.30
N VAL E 122 -10.43 -27.35 4.99
CA VAL E 122 -10.95 -28.34 5.91
C VAL E 122 -10.19 -29.64 5.82
N GLU F 1 29.94 -9.59 -2.38
CA GLU F 1 31.38 -9.42 -2.56
C GLU F 1 31.69 -8.57 -3.78
N THR F 2 30.85 -7.55 -3.98
CA THR F 2 30.91 -6.62 -5.11
C THR F 2 29.76 -5.63 -5.00
N PRO F 3 29.87 -4.46 -5.64
CA PRO F 3 28.69 -3.56 -5.65
C PRO F 3 27.72 -3.66 -6.84
N SER F 4 27.73 -4.75 -7.64
CA SER F 4 26.55 -5.14 -8.46
C SER F 4 25.53 -5.69 -7.48
N GLN F 5 26.06 -6.31 -6.44
CA GLN F 5 25.79 -5.93 -5.06
C GLN F 5 25.61 -6.95 -3.96
N LYS F 6 26.10 -6.52 -2.80
CA LYS F 6 25.62 -6.92 -1.49
C LYS F 6 24.23 -6.37 -1.28
N CYS F 7 23.98 -5.19 -1.84
CA CYS F 7 22.69 -4.50 -1.72
C CYS F 7 21.56 -5.25 -2.40
N GLU F 8 21.89 -6.03 -3.42
CA GLU F 8 20.89 -6.89 -4.07
C GLU F 8 20.40 -7.91 -3.06
N GLU F 9 21.33 -8.42 -2.25
CA GLU F 9 20.97 -9.35 -1.18
C GLU F 9 20.27 -8.59 -0.07
N LYS F 10 20.85 -7.45 0.29
CA LYS F 10 20.45 -6.67 1.45
C LYS F 10 19.01 -6.17 1.38
N TYR F 11 18.56 -5.80 0.20
CA TYR F 11 17.20 -5.28 0.05
C TYR F 11 16.22 -6.36 -0.38
N LYS F 12 16.33 -7.50 0.29
CA LYS F 12 15.34 -8.56 0.23
C LYS F 12 15.11 -9.12 1.63
N THR F 15 11.70 -6.57 -0.03
CA THR F 15 10.93 -6.51 1.21
C THR F 15 10.92 -5.10 1.79
N ASP F 16 12.12 -4.56 2.00
CA ASP F 16 12.31 -3.36 2.79
C ASP F 16 12.06 -2.09 1.99
N LYS F 17 12.89 -1.08 2.24
CA LYS F 17 12.92 0.13 1.44
C LYS F 17 13.83 -0.10 0.23
N ILE F 18 13.26 -0.57 -0.88
CA ILE F 18 14.08 -0.86 -2.05
C ILE F 18 14.50 0.41 -2.79
N SER F 19 13.93 1.54 -2.39
CA SER F 19 14.30 2.83 -2.96
C SER F 19 15.75 3.19 -2.61
N CYS F 20 16.27 2.53 -1.58
CA CYS F 20 17.62 2.82 -1.09
C CYS F 20 18.66 1.92 -1.72
N LEU F 21 18.23 1.01 -2.58
CA LEU F 21 19.16 0.14 -3.31
C LEU F 21 20.08 0.99 -4.17
N HIS F 22 19.54 2.10 -4.66
CA HIS F 22 20.31 3.03 -5.48
C HIS F 22 21.38 3.74 -4.66
N HIS F 23 20.98 4.34 -3.55
CA HIS F 23 21.91 5.05 -2.68
C HIS F 23 22.98 4.11 -2.12
N CYS F 24 22.58 2.91 -1.76
CA CYS F 24 23.48 1.92 -1.17
C CYS F 24 24.66 1.64 -2.09
N LYS F 25 24.38 1.54 -3.39
CA LYS F 25 25.43 1.33 -4.39
C LYS F 25 26.32 2.55 -4.50
N TYR F 26 25.69 3.72 -4.65
CA TYR F 26 26.40 4.96 -4.93
C TYR F 26 27.25 5.47 -3.78
N GLN F 27 26.98 4.98 -2.57
CA GLN F 27 27.79 5.38 -1.41
C GLN F 27 29.08 4.55 -1.37
N TYR F 28 29.03 3.34 -1.92
CA TYR F 28 30.22 2.52 -2.09
C TYR F 28 31.05 3.05 -3.26
N TYR F 29 30.37 3.60 -4.25
CA TYR F 29 31.03 4.19 -5.41
C TYR F 29 31.72 5.49 -5.03
N GLY F 30 31.26 6.09 -3.94
CA GLY F 30 31.81 7.35 -3.48
C GLY F 30 31.18 8.53 -4.21
N PHE F 31 30.03 8.28 -4.81
CA PHE F 31 29.31 9.32 -5.54
C PHE F 31 28.42 10.11 -4.60
N ILE F 32 28.04 9.47 -3.49
CA ILE F 32 27.24 10.11 -2.45
C ILE F 32 27.77 9.71 -1.07
N ASP F 33 27.92 10.69 -0.18
CA ASP F 33 28.42 10.42 1.17
C ASP F 33 27.44 9.54 1.93
N VAL F 34 27.89 8.95 3.04
CA VAL F 34 27.06 8.03 3.81
C VAL F 34 25.88 8.75 4.47
N ASN F 35 26.00 10.06 4.62
CA ASN F 35 24.92 10.86 5.19
C ASN F 35 24.06 11.52 4.11
N TYR F 36 23.98 10.85 2.96
CA TYR F 36 23.18 11.28 1.82
C TYR F 36 23.62 12.59 1.18
N ASN F 37 24.68 13.20 1.73
CA ASN F 37 25.13 14.49 1.24
C ASN F 37 25.96 14.36 -0.04
N ILE F 38 25.73 15.28 -0.97
CA ILE F 38 26.57 15.39 -2.16
C ILE F 38 27.44 16.63 -2.06
N ALA F 39 28.70 16.44 -1.67
CA ALA F 39 29.62 17.55 -1.52
C ALA F 39 30.63 17.57 -2.66
N GLN F 40 31.58 18.50 -2.59
CA GLN F 40 32.63 18.61 -3.61
C GLN F 40 33.49 17.35 -3.62
N SER F 41 33.58 16.69 -2.47
CA SER F 41 34.30 15.43 -2.35
C SER F 41 33.72 14.36 -3.28
N GLU F 42 32.39 14.25 -3.28
CA GLU F 42 31.70 13.24 -4.06
C GLU F 42 31.58 13.60 -5.54
N ILE F 43 31.61 14.90 -5.83
CA ILE F 43 31.46 15.36 -7.22
C ILE F 43 32.70 15.05 -8.05
N ARG F 44 33.89 15.32 -7.50
CA ARG F 44 35.12 15.00 -8.19
C ARG F 44 35.27 13.49 -8.36
N LYS F 45 34.80 12.73 -7.37
CA LYS F 45 34.87 11.27 -7.42
C LYS F 45 33.95 10.74 -8.51
N PHE F 46 32.80 11.40 -8.65
CA PHE F 46 31.84 11.05 -9.68
C PHE F 46 32.33 11.53 -11.04
N SER F 47 32.98 12.69 -11.04
CA SER F 47 33.54 13.22 -12.27
C SER F 47 34.60 12.28 -12.83
N ASN F 48 35.71 12.14 -12.12
CA ASN F 48 36.86 11.36 -12.62
C ASN F 48 36.52 9.92 -13.03
N VAL F 49 35.57 9.30 -12.34
CA VAL F 49 35.20 7.91 -12.64
C VAL F 49 34.55 7.80 -14.01
N LEU F 50 33.74 8.79 -14.36
CA LEU F 50 33.18 8.85 -15.70
C LEU F 50 34.26 9.03 -16.78
N MET F 51 35.45 9.41 -16.36
CA MET F 51 36.48 9.81 -17.33
C MET F 51 37.50 8.76 -17.69
N ASP F 52 37.70 7.83 -16.77
CA ASP F 52 38.65 6.77 -17.02
C ASP F 52 37.97 5.75 -17.92
N TYR F 53 36.64 5.84 -18.02
CA TYR F 53 35.84 4.93 -18.84
C TYR F 53 35.29 5.60 -20.10
N GLY F 54 35.74 6.81 -20.38
CA GLY F 54 35.42 7.49 -21.63
C GLY F 54 33.95 7.77 -21.88
N VAL F 55 33.18 7.95 -20.81
CA VAL F 55 31.77 8.30 -20.93
C VAL F 55 31.63 9.73 -21.44
N VAL F 56 32.43 10.60 -20.86
CA VAL F 56 32.55 12.00 -21.27
C VAL F 56 34.05 12.25 -21.40
N ASP F 57 34.48 13.07 -22.35
CA ASP F 57 35.92 13.20 -22.60
C ASP F 57 36.45 14.43 -21.85
N LYS F 58 37.72 14.37 -21.47
CA LYS F 58 38.35 15.38 -20.62
C LYS F 58 38.34 16.79 -21.19
N SER F 59 37.90 16.94 -22.43
CA SER F 59 37.88 18.22 -23.15
C SER F 59 37.56 19.38 -22.22
N LYS F 60 36.34 19.39 -21.69
CA LYS F 60 36.01 20.21 -20.53
C LYS F 60 35.12 19.44 -19.58
N LYS F 61 35.55 19.37 -18.33
CA LYS F 61 34.83 18.65 -17.28
C LYS F 61 34.16 19.60 -16.30
N ARG F 62 34.43 20.88 -16.45
CA ARG F 62 33.89 21.81 -15.47
C ARG F 62 32.43 22.08 -15.81
N GLU F 63 32.00 21.92 -17.07
CA GLU F 63 30.57 21.94 -17.33
C GLU F 63 29.95 20.63 -16.86
N LEU F 64 30.76 19.58 -16.77
CA LEU F 64 30.30 18.33 -16.18
C LEU F 64 30.26 18.53 -14.68
N LYS F 65 31.38 19.01 -14.13
CA LYS F 65 31.44 19.35 -12.72
C LYS F 65 30.40 20.42 -12.34
N LYS F 66 30.05 21.35 -13.22
CA LYS F 66 28.92 22.22 -12.88
C LYS F 66 27.64 21.40 -12.95
N VAL F 67 27.43 20.60 -14.00
CA VAL F 67 26.19 19.83 -14.05
C VAL F 67 25.96 19.07 -12.74
N MET F 68 27.01 18.46 -12.21
CA MET F 68 26.92 17.79 -10.92
C MET F 68 26.70 18.78 -9.78
N HIS F 69 27.21 20.00 -9.93
CA HIS F 69 26.99 21.05 -8.94
C HIS F 69 25.51 21.47 -8.86
N GLU F 70 24.91 21.93 -9.95
CA GLU F 70 23.55 22.48 -9.81
C GLU F 70 22.52 21.37 -9.54
N CYS F 71 22.80 20.15 -9.99
CA CYS F 71 21.98 19.01 -9.61
C CYS F 71 22.06 18.79 -8.11
N ALA F 72 23.23 19.08 -7.54
CA ALA F 72 23.44 18.97 -6.11
C ALA F 72 22.67 20.03 -5.34
N LYS F 73 22.72 21.29 -5.77
CA LYS F 73 21.92 22.30 -5.07
C LYS F 73 20.43 22.04 -5.23
N GLN F 74 20.02 21.62 -6.42
CA GLN F 74 18.61 21.52 -6.76
C GLN F 74 17.88 20.50 -5.88
N VAL F 75 18.50 19.33 -5.66
CA VAL F 75 17.90 18.34 -4.79
C VAL F 75 17.89 18.81 -3.35
N LYS F 76 18.75 19.78 -3.02
CA LYS F 76 18.81 20.32 -1.68
C LYS F 76 17.70 21.35 -1.43
N LYS F 77 17.42 22.19 -2.42
CA LYS F 77 16.36 23.18 -2.28
C LYS F 77 15.01 22.48 -2.27
N GLU F 78 14.87 21.50 -3.15
CA GLU F 78 13.66 20.69 -3.23
C GLU F 78 13.40 19.97 -1.90
N ALA F 79 14.47 19.75 -1.13
CA ALA F 79 14.38 19.03 0.13
C ALA F 79 14.06 19.98 1.28
N ARG F 80 14.75 21.11 1.31
CA ARG F 80 14.47 22.15 2.28
C ARG F 80 13.03 22.66 2.11
N LYS F 81 12.56 22.62 0.87
CA LYS F 81 11.19 23.02 0.55
C LYS F 81 10.19 22.14 1.27
N ASP F 82 10.36 20.82 1.15
CA ASP F 82 9.48 19.87 1.81
C ASP F 82 9.84 19.69 3.29
N SER F 83 10.61 20.64 3.82
CA SER F 83 10.96 20.70 5.23
C SER F 83 11.68 19.45 5.74
N HIS F 84 12.58 18.91 4.92
CA HIS F 84 13.44 17.82 5.35
C HIS F 84 14.81 17.96 4.68
N TRP F 85 15.65 16.94 4.83
CA TRP F 85 16.97 16.96 4.20
C TRP F 85 17.11 15.77 3.26
N LEU F 86 18.32 15.55 2.77
CA LEU F 86 18.60 14.51 1.78
C LEU F 86 18.31 13.12 2.30
N ASN F 87 17.96 12.21 1.40
CA ASN F 87 17.68 10.82 1.74
C ASN F 87 17.77 9.93 0.52
N CYS F 88 17.18 8.73 0.61
CA CYS F 88 17.21 7.77 -0.49
C CYS F 88 16.57 8.33 -1.76
N ARG F 89 15.59 9.20 -1.59
CA ARG F 89 14.87 9.78 -2.73
C ARG F 89 15.68 10.88 -3.42
N THR F 90 16.33 11.73 -2.63
CA THR F 90 17.14 12.81 -3.17
C THR F 90 18.37 12.27 -3.87
N SER F 91 18.74 11.03 -3.55
CA SER F 91 19.86 10.36 -4.21
C SER F 91 19.47 9.95 -5.62
N ILE F 92 18.23 9.51 -5.79
CA ILE F 92 17.73 9.11 -7.10
C ILE F 92 17.56 10.32 -8.00
N ASN F 93 16.95 11.38 -7.47
CA ASN F 93 16.73 12.60 -8.23
C ASN F 93 18.03 13.28 -8.64
N TYR F 94 19.08 13.06 -7.87
CA TYR F 94 20.41 13.57 -8.20
C TYR F 94 20.95 12.82 -9.41
N TYR F 95 20.76 11.50 -9.42
CA TYR F 95 21.10 10.68 -10.58
C TYR F 95 20.31 11.14 -11.80
N ARG F 96 19.01 11.30 -11.63
CA ARG F 96 18.12 11.70 -12.71
C ARG F 96 18.48 13.08 -13.25
N CYS F 97 18.74 14.01 -12.34
CA CYS F 97 19.11 15.38 -12.73
C CYS F 97 20.35 15.38 -13.62
N VAL F 98 21.34 14.59 -13.25
CA VAL F 98 22.58 14.52 -13.99
C VAL F 98 22.37 14.03 -15.42
N LEU F 99 21.64 12.94 -15.58
CA LEU F 99 21.47 12.30 -16.88
C LEU F 99 20.48 13.04 -17.78
N THR F 100 19.95 14.16 -17.29
CA THR F 100 19.16 15.06 -18.13
C THR F 100 20.09 15.74 -19.13
N SER F 101 21.35 15.85 -18.75
CA SER F 101 22.37 16.51 -19.59
C SER F 101 22.67 15.71 -20.84
N LYS F 102 22.79 16.42 -21.96
CA LYS F 102 23.08 15.81 -23.26
C LYS F 102 24.51 15.24 -23.29
N LEU F 103 25.32 15.66 -22.33
CA LEU F 103 26.74 15.31 -22.28
C LEU F 103 27.01 13.82 -22.07
N ILE F 104 26.00 13.08 -21.62
CA ILE F 104 26.23 11.68 -21.23
C ILE F 104 25.42 10.69 -22.04
N GLY F 105 26.13 9.82 -22.75
CA GLY F 105 25.48 8.71 -23.44
C GLY F 105 25.05 7.68 -22.41
N PRO F 106 23.73 7.42 -22.32
CA PRO F 106 23.18 6.47 -21.34
C PRO F 106 23.81 5.08 -21.42
N GLN F 107 23.93 4.56 -22.64
CA GLN F 107 24.51 3.24 -22.88
C GLN F 107 26.00 3.19 -22.61
N ARG F 108 26.73 4.24 -23.01
CA ARG F 108 28.10 4.43 -22.59
C ARG F 108 28.20 4.41 -21.07
N PHE F 109 27.24 5.08 -20.45
CA PHE F 109 27.19 5.23 -19.00
C PHE F 109 26.92 3.91 -18.30
N ASP F 110 25.84 3.23 -18.69
CA ASP F 110 25.38 2.04 -17.99
C ASP F 110 26.37 0.88 -18.05
N LYS F 111 27.34 0.95 -18.96
CA LYS F 111 28.42 -0.03 -18.99
C LYS F 111 29.55 0.38 -18.05
N ALA F 112 29.82 1.67 -17.99
CA ALA F 112 30.90 2.21 -17.16
C ALA F 112 30.67 1.88 -15.69
N ILE F 113 29.47 2.14 -15.21
CA ILE F 113 29.11 1.77 -13.85
C ILE F 113 29.19 0.26 -13.70
N GLN F 114 28.60 -0.46 -14.65
CA GLN F 114 28.63 -1.92 -14.68
C GLN F 114 30.05 -2.48 -14.59
N ASP F 115 31.02 -1.74 -15.14
CA ASP F 115 32.42 -2.16 -15.14
C ASP F 115 33.16 -1.72 -13.88
N TYR F 116 33.07 -0.43 -13.57
CA TYR F 116 33.64 0.15 -12.35
C TYR F 116 33.21 -0.65 -11.12
N ASP F 117 32.02 -1.21 -11.25
CA ASP F 117 31.35 -2.00 -10.21
C ASP F 117 32.18 -3.21 -9.80
N LYS F 118 32.66 -3.97 -10.78
CA LYS F 118 33.38 -5.23 -10.51
C LYS F 118 34.74 -5.01 -9.86
N THR F 119 35.17 -3.76 -9.76
CA THR F 119 36.49 -3.44 -9.22
C THR F 119 36.45 -3.11 -7.74
N ILE F 120 35.40 -3.56 -7.05
CA ILE F 120 35.25 -3.30 -5.61
C ILE F 120 34.74 -4.55 -4.88
N SER F 121 35.34 -4.87 -3.73
CA SER F 121 34.90 -6.01 -2.93
C SER F 121 35.47 -5.95 -1.50
N VAL F 122 34.62 -6.10 -0.49
CA VAL F 122 33.16 -6.21 -0.63
C VAL F 122 32.49 -4.84 -0.66
N GLU G 1 45.77 11.22 9.76
CA GLU G 1 46.18 12.06 10.87
C GLU G 1 45.23 13.28 10.95
N THR G 2 44.37 13.41 9.95
CA THR G 2 43.24 14.33 10.07
C THR G 2 41.98 13.45 10.07
N PRO G 3 40.97 13.83 10.88
CA PRO G 3 39.79 13.00 11.12
C PRO G 3 39.21 12.32 9.87
N SER G 4 39.14 13.06 8.77
CA SER G 4 38.64 12.49 7.52
C SER G 4 39.62 11.48 6.94
N GLN G 5 40.91 11.73 7.13
CA GLN G 5 41.96 10.84 6.61
C GLN G 5 42.12 9.59 7.47
N LYS G 6 41.97 9.77 8.78
CA LYS G 6 42.01 8.64 9.70
C LYS G 6 40.79 7.76 9.48
N CYS G 7 39.73 8.33 8.90
CA CYS G 7 38.45 7.64 8.87
C CYS G 7 38.09 6.85 7.62
N GLU G 8 38.87 6.93 6.55
CA GLU G 8 38.46 6.11 5.43
C GLU G 8 38.97 4.71 5.72
N GLU G 9 40.07 4.63 6.51
CA GLU G 9 40.42 3.50 7.42
C GLU G 9 40.10 2.09 6.83
N LYS G 10 40.12 0.98 7.54
CA LYS G 10 39.69 -0.15 6.74
C LYS G 10 38.25 -0.56 6.96
N TYR G 11 37.42 0.43 6.66
CA TYR G 11 36.15 0.26 6.00
C TYR G 11 36.60 0.02 4.53
N LYS G 12 37.90 0.20 4.25
CA LYS G 12 38.54 -0.21 2.99
C LYS G 12 38.69 -1.72 3.07
N THR G 15 36.42 -3.27 5.18
CA THR G 15 35.57 -3.57 4.04
C THR G 15 34.11 -3.71 4.48
N ASP G 16 33.85 -3.32 5.72
CA ASP G 16 32.66 -3.77 6.42
C ASP G 16 31.50 -2.77 6.44
N LYS G 17 31.13 -2.36 7.65
CA LYS G 17 29.91 -1.57 7.84
C LYS G 17 30.22 -0.08 7.70
N ILE G 18 29.92 0.43 6.52
CA ILE G 18 30.47 1.70 6.04
C ILE G 18 29.76 2.95 6.60
N SER G 19 28.58 2.77 7.17
CA SER G 19 27.76 3.90 7.60
C SER G 19 28.31 4.59 8.85
N CYS G 20 29.24 3.93 9.55
CA CYS G 20 29.84 4.51 10.74
C CYS G 20 30.93 5.52 10.41
N LEU G 21 31.16 5.72 9.12
CA LEU G 21 32.13 6.70 8.64
C LEU G 21 31.76 8.12 9.10
N HIS G 22 30.46 8.36 9.25
CA HIS G 22 29.97 9.67 9.65
C HIS G 22 30.26 9.98 11.11
N HIS G 23 29.85 9.07 12.00
CA HIS G 23 30.06 9.26 13.44
C HIS G 23 31.54 9.32 13.78
N CYS G 24 32.36 8.60 13.01
CA CYS G 24 33.80 8.59 13.22
C CYS G 24 34.37 10.00 13.07
N LYS G 25 33.99 10.69 12.01
CA LYS G 25 34.42 12.07 11.79
C LYS G 25 33.95 12.99 12.91
N TYR G 26 32.70 12.83 13.30
CA TYR G 26 32.03 13.78 14.19
C TYR G 26 32.42 13.65 15.66
N GLN G 27 33.04 12.53 16.03
CA GLN G 27 33.47 12.34 17.40
C GLN G 27 34.83 13.00 17.63
N TYR G 28 35.56 13.22 16.54
CA TYR G 28 36.81 13.97 16.60
C TYR G 28 36.51 15.47 16.59
N TYR G 29 35.50 15.84 15.80
CA TYR G 29 35.03 17.22 15.78
C TYR G 29 34.47 17.57 17.16
N GLY G 30 33.85 16.59 17.79
CA GLY G 30 33.28 16.76 19.11
C GLY G 30 31.82 17.17 19.05
N PHE G 31 31.17 16.90 17.93
CA PHE G 31 29.76 17.22 17.75
C PHE G 31 28.92 16.10 18.34
N ILE G 32 29.56 14.93 18.47
CA ILE G 32 28.94 13.75 19.05
C ILE G 32 29.97 13.03 19.92
N ASP G 33 29.57 12.57 21.09
CA ASP G 33 30.48 11.87 21.99
C ASP G 33 30.79 10.48 21.45
N VAL G 34 31.85 9.86 21.97
CA VAL G 34 32.28 8.55 21.51
C VAL G 34 31.24 7.47 21.83
N ASN G 35 30.35 7.75 22.77
CA ASN G 35 29.27 6.83 23.10
C ASN G 35 27.97 7.22 22.41
N TYR G 36 28.11 7.94 21.30
CA TYR G 36 27.00 8.31 20.40
C TYR G 36 26.01 9.32 21.00
N ASN G 37 26.32 9.89 22.16
CA ASN G 37 25.38 10.82 22.79
C ASN G 37 25.58 12.27 22.37
N ILE G 38 24.52 13.07 22.47
CA ILE G 38 24.59 14.50 22.19
C ILE G 38 23.96 15.30 23.33
N ALA G 39 24.78 15.84 24.22
CA ALA G 39 24.29 16.66 25.32
C ALA G 39 24.73 18.11 25.12
N GLN G 40 24.68 18.90 26.19
CA GLN G 40 25.12 20.29 26.13
C GLN G 40 26.52 20.39 25.55
N SER G 41 27.46 19.65 26.13
CA SER G 41 28.87 19.67 25.71
C SER G 41 29.07 19.63 24.19
N GLU G 42 28.36 18.74 23.52
CA GLU G 42 28.52 18.56 22.08
C GLU G 42 27.76 19.62 21.27
N ILE G 43 26.60 20.02 21.78
CA ILE G 43 25.80 21.05 21.11
C ILE G 43 26.52 22.38 21.08
N ARG G 44 26.99 22.83 22.25
CA ARG G 44 27.70 24.09 22.32
C ARG G 44 28.98 24.05 21.47
N LYS G 45 29.72 22.94 21.53
CA LYS G 45 30.91 22.76 20.71
C LYS G 45 30.59 22.93 19.23
N PHE G 46 29.40 22.51 18.84
CA PHE G 46 28.95 22.56 17.46
C PHE G 46 28.61 23.99 17.02
N SER G 47 27.92 24.73 17.89
CA SER G 47 27.41 26.05 17.54
C SER G 47 28.51 27.08 17.30
N ASN G 48 29.54 27.09 18.12
CA ASN G 48 30.61 28.07 17.94
C ASN G 48 31.53 27.71 16.78
N VAL G 49 31.73 26.42 16.52
CA VAL G 49 32.46 26.01 15.31
C VAL G 49 31.74 26.58 14.09
N LEU G 50 30.42 26.49 14.10
CA LEU G 50 29.62 26.99 12.99
C LEU G 50 29.70 28.51 12.85
N MET G 51 29.82 29.21 13.98
CA MET G 51 29.88 30.67 13.93
C MET G 51 31.31 31.15 13.63
N ASP G 52 32.30 30.35 14.04
CA ASP G 52 33.70 30.73 13.90
C ASP G 52 34.14 30.71 12.44
N TYR G 53 33.44 29.94 11.62
CA TYR G 53 33.75 29.86 10.19
C TYR G 53 32.78 30.68 9.35
N GLY G 54 31.88 31.40 10.03
CA GLY G 54 30.96 32.30 9.37
C GLY G 54 29.80 31.61 8.67
N VAL G 55 29.43 30.43 9.16
CA VAL G 55 28.28 29.71 8.61
C VAL G 55 26.98 30.30 9.15
N VAL G 56 26.95 30.52 10.46
CA VAL G 56 25.79 31.12 11.10
C VAL G 56 26.19 32.41 11.81
N ASP G 57 25.30 33.40 11.78
CA ASP G 57 25.53 34.67 12.45
C ASP G 57 25.36 34.50 13.96
N LYS G 58 26.11 35.28 14.73
CA LYS G 58 26.05 35.23 16.19
C LYS G 58 24.71 35.74 16.74
N SER G 59 24.04 36.60 15.97
CA SER G 59 22.76 37.15 16.38
C SER G 59 21.66 36.10 16.46
N LYS G 60 21.94 34.89 15.97
CA LYS G 60 20.94 33.84 15.90
C LYS G 60 21.39 32.46 16.37
N LYS G 61 22.30 32.41 17.34
CA LYS G 61 22.72 31.12 17.87
C LYS G 61 21.84 30.64 19.02
N ARG G 62 21.07 31.55 19.62
CA ARG G 62 20.07 31.10 20.59
C ARG G 62 18.99 30.25 19.96
N GLU G 63 18.69 30.49 18.68
CA GLU G 63 17.86 29.55 17.94
C GLU G 63 18.71 28.48 17.25
N LEU G 64 19.99 28.76 17.00
CA LEU G 64 20.83 27.73 16.38
C LEU G 64 20.97 26.50 17.28
N LYS G 65 21.31 26.70 18.56
CA LYS G 65 21.38 25.56 19.48
C LYS G 65 20.01 24.97 19.80
N LYS G 66 18.98 25.83 19.87
CA LYS G 66 17.63 25.36 20.11
C LYS G 66 17.22 24.36 19.03
N VAL G 67 17.71 24.59 17.83
CA VAL G 67 17.53 23.63 16.76
C VAL G 67 18.25 22.33 17.10
N MET G 68 19.55 22.46 17.43
CA MET G 68 20.38 21.31 17.77
C MET G 68 19.82 20.56 18.98
N HIS G 69 19.16 21.31 19.85
CA HIS G 69 18.64 20.79 21.11
C HIS G 69 17.48 19.84 20.85
N GLU G 70 16.52 20.28 20.06
CA GLU G 70 15.38 19.44 19.71
C GLU G 70 15.77 18.34 18.73
N CYS G 71 16.76 18.61 17.88
CA CYS G 71 17.30 17.61 16.98
C CYS G 71 17.94 16.49 17.79
N ALA G 72 18.45 16.84 18.96
CA ALA G 72 18.98 15.84 19.86
C ALA G 72 17.86 14.99 20.47
N LYS G 73 16.77 15.62 20.92
CA LYS G 73 15.67 14.88 21.56
C LYS G 73 14.91 13.94 20.65
N GLN G 74 14.57 14.41 19.46
CA GLN G 74 13.68 13.64 18.60
C GLN G 74 14.44 12.45 18.06
N VAL G 75 15.76 12.59 17.93
CA VAL G 75 16.60 11.48 17.54
C VAL G 75 16.68 10.46 18.68
N LYS G 76 16.81 10.96 19.90
CA LYS G 76 16.79 10.10 21.08
C LYS G 76 15.41 9.47 21.25
N LYS G 77 14.38 10.25 20.97
CA LYS G 77 13.00 9.79 21.07
C LYS G 77 12.74 8.61 20.13
N GLU G 78 13.26 8.71 18.90
CA GLU G 78 13.13 7.63 17.93
C GLU G 78 13.77 6.34 18.43
N ALA G 79 15.02 6.45 18.89
CA ALA G 79 15.80 5.31 19.33
C ALA G 79 15.08 4.49 20.40
N ARG G 80 14.54 5.19 21.40
CA ARG G 80 13.79 4.54 22.47
C ARG G 80 12.58 3.80 21.92
N LYS G 81 11.89 4.42 20.97
CA LYS G 81 10.65 3.86 20.43
C LYS G 81 10.85 2.53 19.71
N ASP G 82 12.11 2.18 19.45
CA ASP G 82 12.48 0.95 18.72
C ASP G 82 13.32 0.14 19.70
N SER G 83 13.25 0.54 20.97
CA SER G 83 13.89 -0.18 22.07
C SER G 83 15.40 -0.35 21.92
N HIS G 84 16.06 0.65 21.35
CA HIS G 84 17.51 0.71 21.36
C HIS G 84 17.95 2.12 21.74
N TRP G 85 19.25 2.37 21.70
CA TRP G 85 19.76 3.69 22.02
C TRP G 85 20.56 4.21 20.83
N LEU G 86 21.22 5.36 21.00
CA LEU G 86 21.91 6.04 19.92
C LEU G 86 22.99 5.18 19.27
N ASN G 87 23.18 5.37 17.97
CA ASN G 87 24.15 4.60 17.20
C ASN G 87 24.70 5.41 16.02
N CYS G 88 25.34 4.72 15.08
CA CYS G 88 25.88 5.37 13.89
C CYS G 88 24.78 6.03 13.07
N ARG G 89 23.61 5.39 13.03
CA ARG G 89 22.48 5.87 12.26
C ARG G 89 21.79 7.06 12.92
N THR G 90 21.67 7.02 14.24
CA THR G 90 21.10 8.14 14.99
C THR G 90 21.97 9.38 14.85
N SER G 91 23.27 9.15 14.72
CA SER G 91 24.23 10.24 14.51
C SER G 91 23.99 10.90 13.16
N ILE G 92 23.73 10.08 12.15
CA ILE G 92 23.44 10.57 10.80
C ILE G 92 22.12 11.34 10.78
N ASN G 93 21.13 10.84 11.53
CA ASN G 93 19.84 11.51 11.62
C ASN G 93 19.93 12.87 12.30
N TYR G 94 20.83 12.99 13.28
CA TYR G 94 21.06 14.25 13.97
C TYR G 94 21.60 15.29 13.00
N TYR G 95 22.40 14.83 12.04
CA TYR G 95 22.96 15.70 11.02
C TYR G 95 21.90 16.11 9.99
N ARG G 96 21.13 15.14 9.52
CA ARG G 96 20.04 15.40 8.59
C ARG G 96 19.02 16.36 9.21
N CYS G 97 18.89 16.28 10.54
CA CYS G 97 17.94 17.11 11.27
C CYS G 97 18.36 18.58 11.31
N VAL G 98 19.62 18.84 11.62
CA VAL G 98 20.09 20.21 11.81
C VAL G 98 20.31 20.95 10.50
N LEU G 99 20.47 20.21 9.41
CA LEU G 99 20.64 20.85 8.10
C LEU G 99 19.29 21.09 7.42
N THR G 100 18.22 20.72 8.12
CA THR G 100 16.87 21.05 7.66
C THR G 100 16.61 22.54 7.88
N SER G 101 17.30 23.09 8.88
CA SER G 101 17.12 24.47 9.28
C SER G 101 17.58 25.47 8.22
N LYS G 102 16.76 26.48 7.95
CA LYS G 102 17.11 27.54 7.02
C LYS G 102 18.20 28.46 7.56
N LEU G 103 18.63 28.21 8.80
CA LEU G 103 19.71 28.97 9.41
C LEU G 103 21.05 28.62 8.76
N ILE G 104 21.14 27.39 8.25
CA ILE G 104 22.40 26.89 7.71
C ILE G 104 22.39 26.79 6.19
N GLY G 105 23.27 27.56 5.55
CA GLY G 105 23.48 27.41 4.13
C GLY G 105 24.36 26.20 3.89
N PRO G 106 23.87 25.24 3.08
CA PRO G 106 24.65 24.07 2.67
C PRO G 106 25.94 24.56 2.04
N GLN G 107 25.77 25.58 1.21
CA GLN G 107 26.82 26.48 0.77
C GLN G 107 28.10 26.49 1.60
N ARG G 108 28.02 27.10 2.78
CA ARG G 108 29.18 27.38 3.62
C ARG G 108 29.47 26.31 4.66
N PHE G 109 28.41 25.68 5.17
CA PHE G 109 28.56 24.62 6.16
C PHE G 109 29.51 23.54 5.68
N ASP G 110 29.26 23.04 4.47
CA ASP G 110 30.01 21.89 3.97
C ASP G 110 31.50 22.15 3.76
N LYS G 111 31.93 23.41 3.78
CA LYS G 111 33.36 23.70 3.63
C LYS G 111 33.92 24.32 4.90
N ALA G 112 33.04 24.62 5.85
CA ALA G 112 33.46 24.91 7.19
C ALA G 112 34.09 23.65 7.78
N ILE G 113 33.30 22.58 7.80
CA ILE G 113 33.77 21.28 8.26
C ILE G 113 34.88 20.75 7.35
N GLN G 114 34.85 21.11 6.08
CA GLN G 114 35.96 20.77 5.17
C GLN G 114 37.25 21.44 5.64
N ASP G 115 37.13 22.69 6.10
CA ASP G 115 38.27 23.44 6.61
C ASP G 115 38.59 23.08 8.05
N TYR G 116 37.54 22.92 8.86
CA TYR G 116 37.70 22.57 10.26
C TYR G 116 38.39 21.22 10.41
N ASP G 117 38.31 20.39 9.36
CA ASP G 117 38.88 19.05 9.40
C ASP G 117 40.41 19.03 9.36
N LYS G 118 41.03 20.05 8.75
CA LYS G 118 42.49 20.08 8.67
C LYS G 118 43.14 20.80 9.85
N THR G 119 42.34 21.22 10.81
CA THR G 119 42.88 21.81 12.04
C THR G 119 43.11 20.74 13.11
N ILE G 120 42.41 19.62 12.98
CA ILE G 120 42.40 18.59 14.01
C ILE G 120 43.46 17.50 13.80
N SER G 121 44.13 17.11 14.88
CA SER G 121 45.17 16.09 14.83
C SER G 121 45.28 15.33 16.14
N VAL G 122 44.80 14.09 16.17
CA VAL G 122 44.17 13.46 15.02
C VAL G 122 42.79 12.90 15.41
#